data_5RB6
#
_entry.id   5RB6
#
_cell.length_a   57.840
_cell.length_b   93.730
_cell.length_c   93.530
_cell.angle_alpha   90.000
_cell.angle_beta   107.810
_cell.angle_gamma   90.000
#
_symmetry.space_group_name_H-M   'P 1 21 1'
#
loop_
_entity.id
_entity.type
_entity.pdbx_description
1 polymer 'Lysine-specific demethylase 3B'
2 non-polymer 1-(4-chlorophenyl)-3-(2-methyl-1-oxidanyl-propan-2-yl)urea
3 non-polymer 'CHLORIDE ION'
4 non-polymer 'MANGANESE (II) ION'
5 water water
#
_entity_poly.entity_id   1
_entity_poly.type   'polypeptide(L)'
_entity_poly.pdbx_seq_one_letter_code
;MHHHHHHSSGVDLGTENLYFQSMTSHSWLCDGRLLCLHDPSNKNNWKIFRECWKQGQPVLVSGVHKKLKSELWKPEAFSQ
EFGDQDVDLVNCRNCAIISDVKVRDFWDGFEIICKRLRSEDGQPMVLKLKDWPPGEDFRDMMPTRFEDLMENLPLPEYTK
RDGRLNLASRLPSYFVRPDLGPKMYNAYGLITAEDRRVGTTNLHLDVSDAVNVMVYVGIPIGEGAHDEEVLKTIDEGDAD
EVTKERIHDHKEKPGALWHIYAAKDAEKIRELLRKVGEEQGQENPPDHDPIHDQSWYLDQTLRKRLYEEYGVQGWAIVQF
LGDAVFIPAGAPHQVHNLYSCIKVAEDFVSPEHVKHCFRLTQEFRHLSNTHT
;
_entity_poly.pdbx_strand_id   A,B
#
loop_
_chem_comp.id
_chem_comp.type
_chem_comp.name
_chem_comp.formula
CL non-polymer 'CHLORIDE ION' 'Cl -1'
MN non-polymer 'MANGANESE (II) ION' 'Mn 2'
S9V non-polymer 1-(4-chlorophenyl)-3-(2-methyl-1-oxidanyl-propan-2-yl)urea 'C11 H15 Cl N2 O2'
#
# COMPACT_ATOMS: atom_id res chain seq x y z
N SER A 22 -38.10 34.16 5.49
CA SER A 22 -38.95 32.94 5.62
C SER A 22 -38.08 31.69 5.42
N MET A 23 -38.47 30.55 5.98
CA MET A 23 -37.76 29.26 5.77
C MET A 23 -38.05 28.75 4.35
N THR A 24 -36.99 28.39 3.62
CA THR A 24 -37.02 27.73 2.29
C THR A 24 -36.24 26.41 2.34
N SER A 25 -36.49 25.56 1.34
CA SER A 25 -35.85 24.22 1.21
C SER A 25 -34.35 24.36 0.93
N HIS A 26 -33.95 25.29 0.06
CA HIS A 26 -32.56 25.41 -0.44
C HIS A 26 -32.29 26.78 -1.04
N SER A 27 -31.00 27.04 -1.29
CA SER A 27 -30.47 28.24 -1.96
C SER A 27 -29.30 27.84 -2.84
N TRP A 28 -28.84 28.75 -3.71
CA TRP A 28 -27.67 28.54 -4.60
C TRP A 28 -26.54 29.47 -4.21
N LEU A 29 -25.39 28.91 -3.87
CA LEU A 29 -24.14 29.67 -3.56
C LEU A 29 -23.14 29.48 -4.72
N CYS A 30 -21.96 30.08 -4.61
CA CYS A 30 -20.93 30.11 -5.69
C CYS A 30 -21.57 30.64 -6.99
N ASP A 31 -22.26 31.78 -6.91
CA ASP A 31 -22.93 32.42 -8.07
C ASP A 31 -23.88 31.42 -8.73
N GLY A 32 -24.68 30.70 -7.94
CA GLY A 32 -25.66 29.72 -8.46
C GLY A 32 -25.07 28.34 -8.72
N ARG A 33 -23.76 28.14 -8.55
CA ARG A 33 -23.08 26.86 -8.95
C ARG A 33 -23.07 25.81 -7.81
N LEU A 34 -23.44 26.16 -6.58
CA LEU A 34 -23.43 25.20 -5.44
C LEU A 34 -24.81 25.12 -4.78
N LEU A 35 -25.37 23.92 -4.64
CA LEU A 35 -26.61 23.68 -3.85
C LEU A 35 -26.29 23.81 -2.35
N CYS A 36 -27.13 24.57 -1.61
N CYS A 36 -27.18 24.51 -1.61
CA CYS A 36 -27.16 24.62 -0.12
CA CYS A 36 -27.20 24.60 -0.13
C CYS A 36 -28.53 24.20 0.42
C CYS A 36 -28.57 24.17 0.42
N LEU A 37 -28.64 22.97 0.93
CA LEU A 37 -29.86 22.45 1.61
C LEU A 37 -29.92 23.08 3.01
N HIS A 38 -31.14 23.38 3.52
CA HIS A 38 -31.35 24.14 4.79
C HIS A 38 -31.86 23.26 5.95
N ASP A 39 -32.47 22.12 5.66
CA ASP A 39 -33.06 21.22 6.68
C ASP A 39 -32.34 19.89 6.58
N PRO A 40 -31.38 19.59 7.51
CA PRO A 40 -30.59 18.37 7.36
C PRO A 40 -31.34 17.03 7.38
N SER A 41 -32.56 16.95 7.94
CA SER A 41 -33.29 15.69 8.13
C SER A 41 -34.53 15.63 7.23
N ASN A 42 -34.71 16.58 6.30
CA ASN A 42 -35.91 16.56 5.42
C ASN A 42 -35.93 15.27 4.59
N LYS A 43 -37.03 14.51 4.70
CA LYS A 43 -37.25 13.23 3.97
C LYS A 43 -37.23 13.42 2.46
N ASN A 44 -37.46 14.63 1.91
CA ASN A 44 -37.45 14.89 0.44
C ASN A 44 -36.15 15.57 -0.07
N ASN A 45 -35.09 15.66 0.72
CA ASN A 45 -33.84 16.31 0.26
C ASN A 45 -33.30 15.63 -1.01
N TRP A 46 -33.41 14.30 -1.08
CA TRP A 46 -32.87 13.52 -2.23
C TRP A 46 -33.39 14.04 -3.57
N LYS A 47 -34.62 14.55 -3.62
CA LYS A 47 -35.21 15.06 -4.90
C LYS A 47 -34.44 16.26 -5.43
N ILE A 48 -33.90 17.11 -4.57
CA ILE A 48 -33.08 18.32 -4.94
C ILE A 48 -31.61 17.88 -5.17
N PHE A 49 -31.10 17.05 -4.27
CA PHE A 49 -29.69 16.58 -4.21
C PHE A 49 -29.25 15.82 -5.45
N ARG A 50 -30.11 14.90 -5.89
N ARG A 50 -30.04 14.85 -5.90
CA ARG A 50 -29.77 13.78 -6.81
CA ARG A 50 -29.51 13.80 -6.78
C ARG A 50 -29.25 14.32 -8.15
C ARG A 50 -29.17 14.36 -8.18
N GLU A 51 -29.86 15.38 -8.68
CA GLU A 51 -29.44 15.97 -9.99
C GLU A 51 -28.08 16.68 -9.91
N CYS A 52 -27.87 17.48 -8.85
CA CYS A 52 -26.58 18.17 -8.67
C CYS A 52 -25.45 17.12 -8.50
N TRP A 53 -25.73 16.09 -7.73
CA TRP A 53 -24.75 15.04 -7.41
C TRP A 53 -24.36 14.25 -8.68
N LYS A 54 -25.34 13.97 -9.55
CA LYS A 54 -25.06 13.17 -10.78
C LYS A 54 -24.13 13.95 -11.69
N GLN A 55 -24.17 15.29 -11.66
CA GLN A 55 -23.31 16.19 -12.48
C GLN A 55 -21.91 16.33 -11.88
N GLY A 56 -21.60 15.72 -10.75
CA GLY A 56 -20.21 15.74 -10.22
C GLY A 56 -19.97 16.99 -9.37
N GLN A 57 -21.04 17.68 -8.95
CA GLN A 57 -20.87 18.89 -8.08
C GLN A 57 -20.79 18.50 -6.60
N PRO A 58 -20.03 19.27 -5.80
CA PRO A 58 -20.17 19.21 -4.34
C PRO A 58 -21.53 19.79 -3.92
N VAL A 59 -21.95 19.56 -2.66
CA VAL A 59 -23.22 20.05 -2.08
C VAL A 59 -22.92 20.44 -0.63
N LEU A 60 -23.56 21.49 -0.12
CA LEU A 60 -23.46 21.91 1.28
C LEU A 60 -24.81 21.65 1.95
N VAL A 61 -24.81 21.10 3.19
CA VAL A 61 -26.06 21.05 3.99
C VAL A 61 -25.83 21.76 5.33
N SER A 62 -26.63 22.80 5.63
CA SER A 62 -26.44 23.58 6.89
C SER A 62 -27.35 23.02 8.01
N GLY A 63 -26.97 23.29 9.29
CA GLY A 63 -27.87 23.04 10.44
C GLY A 63 -27.63 21.77 11.21
N VAL A 64 -26.61 20.96 10.91
CA VAL A 64 -26.41 19.60 11.52
C VAL A 64 -26.07 19.79 13.03
N HIS A 65 -25.45 20.90 13.42
CA HIS A 65 -25.07 21.19 14.84
C HIS A 65 -26.33 21.21 15.73
N LYS A 66 -27.46 21.67 15.20
CA LYS A 66 -28.76 21.73 15.97
C LYS A 66 -29.34 20.32 16.23
N LYS A 67 -28.88 19.28 15.54
CA LYS A 67 -29.36 17.89 15.69
C LYS A 67 -28.49 17.12 16.71
N LEU A 68 -27.30 17.62 17.05
CA LEU A 68 -26.28 16.89 17.83
C LEU A 68 -26.38 17.27 19.33
N LYS A 69 -25.82 16.43 20.16
CA LYS A 69 -25.65 16.72 21.63
C LYS A 69 -24.35 17.52 21.82
N SER A 70 -24.45 18.84 21.95
CA SER A 70 -23.32 19.81 21.91
C SER A 70 -22.28 19.49 22.99
N GLU A 71 -22.70 18.93 24.13
CA GLU A 71 -21.75 18.56 25.22
C GLU A 71 -20.78 17.45 24.78
N LEU A 72 -21.10 16.59 23.80
CA LEU A 72 -20.22 15.51 23.34
C LEU A 72 -19.09 16.06 22.43
N TRP A 73 -19.15 17.29 21.93
CA TRP A 73 -18.20 17.74 20.86
C TRP A 73 -17.31 18.89 21.35
N LYS A 74 -17.04 19.01 22.65
CA LYS A 74 -16.23 20.13 23.21
C LYS A 74 -14.79 19.68 23.39
N PRO A 75 -13.82 20.56 23.10
CA PRO A 75 -12.40 20.25 23.31
C PRO A 75 -12.05 19.84 24.75
N GLU A 76 -12.64 20.50 25.76
CA GLU A 76 -12.33 20.18 27.19
C GLU A 76 -12.76 18.73 27.54
N ALA A 77 -13.86 18.23 26.97
CA ALA A 77 -14.29 16.83 27.20
C ALA A 77 -13.28 15.87 26.56
N PHE A 78 -12.79 16.13 25.35
CA PHE A 78 -11.82 15.22 24.70
C PHE A 78 -10.56 15.18 25.57
N SER A 79 -10.13 16.31 26.09
CA SER A 79 -8.91 16.37 26.94
C SER A 79 -9.09 15.56 28.23
N GLN A 80 -10.22 15.73 28.91
CA GLN A 80 -10.53 15.07 30.20
C GLN A 80 -10.62 13.54 30.01
N GLU A 81 -11.33 13.08 28.97
CA GLU A 81 -11.60 11.63 28.76
C GLU A 81 -10.41 10.88 28.14
N PHE A 82 -9.59 11.52 27.27
CA PHE A 82 -8.60 10.80 26.42
C PHE A 82 -7.20 11.41 26.54
N GLY A 83 -7.03 12.39 27.44
CA GLY A 83 -5.81 13.24 27.49
C GLY A 83 -4.51 12.50 27.69
N ASP A 84 -4.51 11.27 28.25
CA ASP A 84 -3.25 10.51 28.52
C ASP A 84 -2.81 9.64 27.34
N GLN A 85 -3.51 9.66 26.20
CA GLN A 85 -3.09 8.86 25.03
C GLN A 85 -1.90 9.49 24.33
N ASP A 86 -1.03 8.68 23.76
CA ASP A 86 0.17 9.14 23.03
C ASP A 86 -0.16 9.35 21.53
N VAL A 87 0.30 10.47 20.96
CA VAL A 87 -0.07 10.88 19.58
C VAL A 87 1.11 11.59 18.94
N ASP A 88 1.04 11.83 17.62
CA ASP A 88 1.94 12.73 16.89
C ASP A 88 1.13 13.92 16.38
N LEU A 89 1.77 15.09 16.36
CA LEU A 89 1.21 16.33 15.80
C LEU A 89 1.97 16.71 14.54
N VAL A 90 1.39 17.58 13.71
CA VAL A 90 2.08 18.27 12.59
C VAL A 90 2.08 19.78 12.80
N ASN A 91 3.25 20.40 12.61
CA ASN A 91 3.37 21.87 12.52
C ASN A 91 2.90 22.30 11.12
N CYS A 92 1.70 22.89 11.01
CA CYS A 92 1.09 23.28 9.71
C CYS A 92 1.99 24.22 8.91
N ARG A 93 2.81 25.05 9.55
CA ARG A 93 3.62 26.10 8.85
C ARG A 93 4.77 25.49 8.06
N ASN A 94 5.38 24.41 8.52
CA ASN A 94 6.62 23.84 7.90
C ASN A 94 6.52 22.32 7.72
N CYS A 95 5.39 21.67 8.04
CA CYS A 95 5.16 20.20 7.94
C CYS A 95 6.06 19.34 8.88
N ALA A 96 6.77 19.93 9.83
CA ALA A 96 7.55 19.18 10.85
C ALA A 96 6.60 18.30 11.69
N ILE A 97 7.03 17.08 11.99
CA ILE A 97 6.28 16.14 12.86
C ILE A 97 6.75 16.31 14.32
N ILE A 98 5.83 16.53 15.25
CA ILE A 98 6.13 16.52 16.71
C ILE A 98 5.74 15.13 17.22
N SER A 99 6.71 14.27 17.51
CA SER A 99 6.49 12.83 17.83
C SER A 99 6.21 12.56 19.32
N ASP A 100 5.29 11.66 19.57
CA ASP A 100 5.06 10.95 20.84
C ASP A 100 4.85 11.93 21.99
N VAL A 101 3.84 12.81 21.85
CA VAL A 101 3.37 13.69 22.95
C VAL A 101 1.97 13.24 23.42
N LYS A 102 1.49 13.76 24.54
CA LYS A 102 0.16 13.45 25.10
C LYS A 102 -0.88 14.24 24.33
N VAL A 103 -2.03 13.63 24.10
CA VAL A 103 -3.10 14.34 23.34
C VAL A 103 -3.63 15.55 24.11
N ARG A 104 -3.56 15.59 25.46
CA ARG A 104 -3.92 16.83 26.20
C ARG A 104 -3.02 18.01 25.78
N ASP A 105 -1.79 17.79 25.34
CA ASP A 105 -0.87 18.92 24.96
C ASP A 105 -1.43 19.65 23.73
N PHE A 106 -2.16 18.92 22.87
CA PHE A 106 -2.91 19.51 21.72
C PHE A 106 -4.22 20.14 22.23
N TRP A 107 -5.08 19.38 22.92
CA TRP A 107 -6.44 19.86 23.29
C TRP A 107 -6.38 21.10 24.19
N ASP A 108 -5.47 21.16 25.17
CA ASP A 108 -5.50 22.28 26.18
C ASP A 108 -5.11 23.62 25.53
N GLY A 109 -4.43 23.62 24.37
CA GLY A 109 -4.10 24.81 23.57
C GLY A 109 -5.12 25.10 22.43
N PHE A 110 -6.24 24.42 22.37
CA PHE A 110 -7.16 24.49 21.18
C PHE A 110 -7.71 25.90 21.03
N GLU A 111 -8.17 26.49 22.15
CA GLU A 111 -8.79 27.85 22.16
C GLU A 111 -7.95 28.84 22.96
N ILE A 112 -7.14 28.36 23.89
CA ILE A 112 -6.41 29.26 24.82
C ILE A 112 -4.97 29.39 24.33
N ILE A 113 -4.61 30.50 23.71
CA ILE A 113 -3.33 30.64 22.98
C ILE A 113 -2.11 30.55 23.93
N CYS A 114 -2.21 31.08 25.16
CA CYS A 114 -1.11 31.07 26.18
C CYS A 114 -0.81 29.64 26.63
N LYS A 115 -1.56 28.61 26.22
CA LYS A 115 -1.26 27.19 26.62
C LYS A 115 -0.62 26.44 25.44
N ARG A 116 -0.51 27.04 24.23
CA ARG A 116 0.00 26.29 23.06
C ARG A 116 1.51 26.02 23.11
N LEU A 117 1.91 24.83 22.66
CA LEU A 117 3.33 24.51 22.34
C LEU A 117 3.91 25.64 21.46
N ARG A 118 5.15 26.03 21.78
CA ARG A 118 5.85 27.17 21.12
C ARG A 118 6.96 26.61 20.25
N SER A 119 7.17 27.18 19.05
CA SER A 119 8.35 26.90 18.21
C SER A 119 9.58 27.63 18.82
N GLU A 120 10.76 27.40 18.26
CA GLU A 120 12.05 27.92 18.80
C GLU A 120 12.10 29.45 18.71
N ASP A 121 11.30 30.06 17.82
CA ASP A 121 11.18 31.54 17.72
C ASP A 121 10.37 32.12 18.87
N GLY A 122 9.73 31.27 19.71
CA GLY A 122 8.90 31.67 20.84
C GLY A 122 7.47 31.95 20.45
N GLN A 123 7.07 31.70 19.20
CA GLN A 123 5.65 31.93 18.78
C GLN A 123 4.82 30.68 19.09
N PRO A 124 3.52 30.85 19.36
CA PRO A 124 2.66 29.68 19.49
C PRO A 124 2.50 29.00 18.11
N MET A 125 2.59 27.66 18.07
CA MET A 125 2.47 26.91 16.79
C MET A 125 1.01 26.73 16.37
N VAL A 126 0.82 26.60 15.04
CA VAL A 126 -0.46 26.14 14.46
C VAL A 126 -0.32 24.65 14.22
N LEU A 127 -1.05 23.83 15.01
CA LEU A 127 -0.86 22.36 15.02
C LEU A 127 -2.11 21.64 14.47
N LYS A 128 -1.84 20.48 13.87
CA LYS A 128 -2.83 19.48 13.43
C LYS A 128 -2.56 18.20 14.23
N LEU A 129 -3.60 17.61 14.78
CA LEU A 129 -3.58 16.31 15.50
C LEU A 129 -3.69 15.19 14.46
N LYS A 130 -2.62 14.41 14.31
CA LYS A 130 -2.52 13.37 13.24
C LYS A 130 -3.24 12.09 13.67
N ASP A 131 -4.08 11.52 12.79
CA ASP A 131 -4.59 10.11 12.89
C ASP A 131 -5.15 9.82 14.29
N TRP A 132 -6.16 10.59 14.73
CA TRP A 132 -6.80 10.42 16.08
C TRP A 132 -8.30 10.68 16.01
N PRO A 133 -9.12 9.75 16.54
CA PRO A 133 -8.68 8.39 16.90
C PRO A 133 -7.99 7.61 15.77
N PRO A 134 -7.06 6.68 16.07
CA PRO A 134 -6.26 6.04 15.06
C PRO A 134 -7.00 4.96 14.22
N GLY A 135 -6.63 4.85 12.95
CA GLY A 135 -7.20 3.88 11.97
C GLY A 135 -8.71 3.88 12.03
N GLU A 136 -9.31 2.72 12.29
CA GLU A 136 -10.79 2.51 12.31
C GLU A 136 -11.33 2.53 13.74
N ASP A 137 -10.60 3.06 14.73
CA ASP A 137 -10.94 2.88 16.18
C ASP A 137 -11.98 3.89 16.69
N PHE A 138 -12.53 4.82 15.88
CA PHE A 138 -13.50 5.82 16.41
C PHE A 138 -14.65 5.14 17.18
N ARG A 139 -15.29 4.15 16.55
CA ARG A 139 -16.51 3.49 17.13
C ARG A 139 -16.19 2.82 18.47
N ASP A 140 -15.08 2.10 18.55
CA ASP A 140 -14.63 1.40 19.80
C ASP A 140 -14.31 2.44 20.88
N MET A 141 -13.59 3.51 20.54
CA MET A 141 -13.10 4.51 21.55
C MET A 141 -14.23 5.44 22.00
N MET A 142 -15.18 5.80 21.11
CA MET A 142 -16.19 6.83 21.39
C MET A 142 -17.57 6.37 20.92
N PRO A 143 -18.16 5.30 21.53
CA PRO A 143 -19.44 4.78 21.06
C PRO A 143 -20.60 5.76 21.10
N THR A 144 -20.70 6.63 22.10
CA THR A 144 -21.78 7.62 22.22
C THR A 144 -21.62 8.71 21.11
N ARG A 145 -20.40 9.15 20.83
CA ARG A 145 -20.13 10.14 19.73
C ARG A 145 -20.50 9.49 18.39
N PHE A 146 -20.12 8.22 18.19
CA PHE A 146 -20.41 7.44 16.96
C PHE A 146 -21.92 7.44 16.73
N GLU A 147 -22.72 7.06 17.73
CA GLU A 147 -24.21 7.04 17.62
C GLU A 147 -24.74 8.43 17.28
N ASP A 148 -24.30 9.48 17.98
CA ASP A 148 -24.82 10.86 17.82
C ASP A 148 -24.55 11.36 16.39
N LEU A 149 -23.38 11.05 15.87
CA LEU A 149 -23.03 11.49 14.48
C LEU A 149 -23.84 10.65 13.48
N MET A 150 -23.73 9.32 13.55
CA MET A 150 -24.29 8.46 12.46
C MET A 150 -25.81 8.60 12.35
N GLU A 151 -26.52 8.86 13.44
CA GLU A 151 -28.00 9.01 13.46
C GLU A 151 -28.41 10.38 12.91
N ASN A 152 -27.50 11.32 12.74
CA ASN A 152 -27.86 12.71 12.33
C ASN A 152 -27.16 13.13 11.01
N LEU A 153 -26.53 12.22 10.32
CA LEU A 153 -25.95 12.55 8.97
C LEU A 153 -27.09 12.84 8.00
N PRO A 154 -26.97 13.91 7.19
CA PRO A 154 -27.92 14.17 6.09
C PRO A 154 -27.82 13.12 4.96
N LEU A 155 -28.87 13.03 4.13
CA LEU A 155 -28.93 12.12 2.95
C LEU A 155 -28.62 10.69 3.41
N PRO A 156 -29.35 10.18 4.44
CA PRO A 156 -28.97 8.90 5.06
C PRO A 156 -29.02 7.69 4.13
N GLU A 157 -29.77 7.68 3.02
CA GLU A 157 -29.75 6.50 2.10
C GLU A 157 -28.37 6.42 1.43
N TYR A 158 -27.69 7.55 1.23
CA TYR A 158 -26.30 7.60 0.71
C TYR A 158 -25.25 7.41 1.81
N THR A 159 -25.39 8.03 2.99
CA THR A 159 -24.28 8.22 3.94
C THR A 159 -24.23 7.17 5.10
N LYS A 160 -25.31 6.50 5.42
CA LYS A 160 -25.30 5.44 6.48
C LYS A 160 -24.62 4.17 5.96
N ARG A 161 -23.99 3.40 6.86
CA ARG A 161 -23.11 2.26 6.44
C ARG A 161 -23.92 1.27 5.60
N ASP A 162 -25.20 1.10 5.93
CA ASP A 162 -26.17 0.18 5.28
C ASP A 162 -27.26 0.94 4.50
N GLY A 163 -27.06 2.22 4.16
CA GLY A 163 -28.04 2.90 3.28
C GLY A 163 -28.23 2.18 1.97
N ARG A 164 -29.43 2.27 1.40
CA ARG A 164 -29.79 1.62 0.12
C ARG A 164 -28.95 2.15 -1.03
N LEU A 165 -28.50 3.42 -1.01
CA LEU A 165 -27.68 3.98 -2.10
C LEU A 165 -26.20 4.07 -1.73
N ASN A 166 -25.78 3.36 -0.69
CA ASN A 166 -24.34 3.22 -0.37
C ASN A 166 -23.91 1.82 -0.79
N LEU A 167 -23.09 1.72 -1.83
CA LEU A 167 -22.65 0.41 -2.35
C LEU A 167 -21.42 -0.12 -1.57
N ALA A 168 -20.94 0.56 -0.52
CA ALA A 168 -19.63 0.19 0.09
C ALA A 168 -19.63 -1.28 0.52
N SER A 169 -20.72 -1.75 1.13
CA SER A 169 -20.81 -3.13 1.70
C SER A 169 -21.20 -4.15 0.64
N ARG A 170 -21.41 -3.73 -0.59
CA ARG A 170 -22.08 -4.55 -1.63
C ARG A 170 -21.15 -4.82 -2.82
N LEU A 171 -19.88 -4.44 -2.77
CA LEU A 171 -19.05 -4.49 -4.00
C LEU A 171 -17.97 -5.59 -3.87
N PRO A 172 -17.61 -6.25 -4.99
CA PRO A 172 -16.53 -7.23 -4.93
C PRO A 172 -15.16 -6.52 -4.96
N SER A 173 -14.11 -7.33 -4.92
CA SER A 173 -12.70 -6.90 -4.76
C SER A 173 -12.18 -6.14 -5.97
N TYR A 174 -12.90 -6.17 -7.08
CA TYR A 174 -12.62 -5.36 -8.28
C TYR A 174 -12.78 -3.85 -7.98
N PHE A 175 -13.37 -3.48 -6.85
CA PHE A 175 -13.56 -2.07 -6.38
C PHE A 175 -12.76 -1.82 -5.10
N VAL A 176 -12.09 -0.68 -5.02
CA VAL A 176 -11.44 -0.20 -3.77
C VAL A 176 -12.56 0.22 -2.82
N ARG A 177 -12.63 -0.39 -1.64
CA ARG A 177 -13.67 -0.14 -0.64
C ARG A 177 -13.10 0.79 0.43
N PRO A 178 -13.88 1.74 0.96
CA PRO A 178 -13.40 2.64 2.02
C PRO A 178 -13.23 1.91 3.35
N ASP A 179 -12.34 2.42 4.21
CA ASP A 179 -12.15 1.87 5.57
C ASP A 179 -13.45 2.12 6.32
N LEU A 180 -13.66 1.43 7.45
CA LEU A 180 -14.77 1.71 8.40
C LEU A 180 -14.50 3.07 9.08
N GLY A 181 -15.50 3.93 9.13
CA GLY A 181 -15.34 5.32 9.62
C GLY A 181 -16.14 5.46 10.90
N PRO A 182 -16.48 6.67 11.32
CA PRO A 182 -15.93 7.89 10.72
C PRO A 182 -14.48 8.18 11.14
N LYS A 183 -13.91 9.28 10.63
CA LYS A 183 -12.56 9.81 10.93
C LYS A 183 -12.70 11.24 11.46
N MET A 184 -11.93 11.59 12.49
CA MET A 184 -11.97 12.93 13.08
C MET A 184 -10.77 13.72 12.58
N TYR A 185 -10.98 15.01 12.28
CA TYR A 185 -9.96 15.93 11.74
C TYR A 185 -9.92 17.16 12.66
N ASN A 186 -8.85 17.27 13.44
CA ASN A 186 -8.69 18.31 14.52
C ASN A 186 -7.43 19.13 14.24
N ALA A 187 -7.56 20.44 14.17
CA ALA A 187 -6.43 21.35 13.91
C ALA A 187 -6.77 22.77 14.35
N TYR A 188 -5.72 23.50 14.73
CA TYR A 188 -5.84 24.94 15.06
C TYR A 188 -6.07 25.77 13.78
N GLY A 189 -6.49 27.02 13.96
CA GLY A 189 -6.69 28.01 12.88
C GLY A 189 -5.37 28.61 12.46
N LEU A 190 -5.22 28.85 11.17
CA LEU A 190 -4.09 29.60 10.58
C LEU A 190 -4.33 31.09 10.89
N ILE A 191 -3.26 31.82 11.20
CA ILE A 191 -3.38 33.11 11.95
C ILE A 191 -2.84 34.29 11.10
N THR A 192 -1.64 34.20 10.55
CA THR A 192 -0.94 35.38 9.99
C THR A 192 -1.15 35.53 8.47
N ALA A 193 -0.67 36.67 7.95
CA ALA A 193 -0.63 36.96 6.50
C ALA A 193 0.22 35.91 5.78
N GLU A 194 1.37 35.50 6.33
CA GLU A 194 2.20 34.42 5.72
C GLU A 194 1.40 33.09 5.75
N ASP A 195 0.60 32.86 6.78
CA ASP A 195 -0.20 31.62 6.94
C ASP A 195 -1.24 31.49 5.81
N ARG A 196 -1.55 32.57 5.08
CA ARG A 196 -2.65 32.54 4.07
C ARG A 196 -2.29 31.56 2.94
N ARG A 197 -1.01 31.31 2.68
CA ARG A 197 -0.50 30.44 1.59
C ARG A 197 -0.34 28.97 2.00
N VAL A 198 -0.65 28.60 3.24
CA VAL A 198 -0.44 27.24 3.83
C VAL A 198 -1.78 26.52 3.87
N GLY A 199 -1.79 25.20 3.75
CA GLY A 199 -3.04 24.44 3.96
C GLY A 199 -3.06 23.76 5.33
N THR A 200 -4.26 23.51 5.82
CA THR A 200 -4.47 22.57 6.95
C THR A 200 -4.36 21.14 6.40
N THR A 201 -5.05 20.90 5.29
CA THR A 201 -4.95 19.63 4.50
C THR A 201 -4.61 20.03 3.06
N ASN A 202 -3.50 19.55 2.54
CA ASN A 202 -3.05 19.87 1.17
C ASN A 202 -3.99 19.26 0.10
N LEU A 203 -3.81 19.74 -1.13
CA LEU A 203 -4.60 19.27 -2.31
C LEU A 203 -4.42 17.76 -2.50
N HIS A 204 -5.51 17.00 -2.55
CA HIS A 204 -5.52 15.54 -2.73
C HIS A 204 -6.87 15.10 -3.30
N LEU A 205 -7.01 13.80 -3.64
CA LEU A 205 -8.35 13.27 -3.98
C LEU A 205 -8.55 11.91 -3.31
N ASP A 206 -9.80 11.48 -3.22
CA ASP A 206 -10.27 10.22 -2.59
C ASP A 206 -11.01 9.44 -3.67
N VAL A 207 -10.90 8.11 -3.71
CA VAL A 207 -11.66 7.34 -4.73
C VAL A 207 -13.08 6.99 -4.27
N SER A 208 -13.44 7.27 -3.01
N SER A 208 -13.43 7.28 -3.01
CA SER A 208 -14.83 7.17 -2.47
CA SER A 208 -14.80 7.18 -2.44
C SER A 208 -15.41 8.57 -2.24
C SER A 208 -15.40 8.59 -2.36
N ASP A 209 -16.73 8.67 -2.25
CA ASP A 209 -17.42 9.91 -1.85
C ASP A 209 -17.18 10.16 -0.34
N ALA A 210 -17.37 11.40 0.11
CA ALA A 210 -17.33 11.69 1.57
C ALA A 210 -18.29 12.77 1.98
N VAL A 211 -18.78 12.70 3.22
CA VAL A 211 -19.51 13.81 3.91
C VAL A 211 -18.68 14.27 5.10
N ASN A 212 -18.37 15.57 5.18
CA ASN A 212 -17.51 16.15 6.22
C ASN A 212 -18.35 17.15 7.04
N VAL A 213 -18.55 16.87 8.34
CA VAL A 213 -19.40 17.72 9.22
C VAL A 213 -18.56 18.57 10.20
N MET A 214 -18.79 19.88 10.25
CA MET A 214 -18.11 20.81 11.21
C MET A 214 -18.91 20.74 12.54
N VAL A 215 -18.37 20.07 13.56
CA VAL A 215 -19.13 19.78 14.82
C VAL A 215 -18.73 20.83 15.87
N TYR A 216 -17.62 21.53 15.72
CA TYR A 216 -17.18 22.55 16.71
C TYR A 216 -16.20 23.53 16.07
N VAL A 217 -16.38 24.82 16.37
CA VAL A 217 -15.45 25.91 15.96
C VAL A 217 -15.02 26.67 17.25
N GLY A 218 -13.72 26.72 17.49
CA GLY A 218 -13.14 27.43 18.64
C GLY A 218 -12.52 28.72 18.20
N ILE A 219 -13.10 29.83 18.61
CA ILE A 219 -12.53 31.17 18.30
C ILE A 219 -11.75 31.64 19.51
N PRO A 220 -10.40 31.74 19.47
CA PRO A 220 -9.60 31.95 20.68
C PRO A 220 -9.72 33.30 21.39
N ILE A 221 -8.96 33.34 22.49
CA ILE A 221 -8.68 34.43 23.48
C ILE A 221 -7.19 34.32 23.84
N GLY A 222 -6.52 35.49 23.97
CA GLY A 222 -5.07 35.64 24.22
C GLY A 222 -4.44 36.53 23.17
N GLU A 223 -4.40 36.04 21.92
CA GLU A 223 -4.31 36.85 20.69
C GLU A 223 -5.73 36.88 20.09
N GLY A 224 -6.73 37.16 20.92
CA GLY A 224 -8.14 37.32 20.55
C GLY A 224 -8.47 38.76 20.23
N ALA A 225 -9.05 39.00 19.04
CA ALA A 225 -9.12 40.28 18.28
C ALA A 225 -8.48 40.08 16.89
N HIS A 226 -8.56 38.84 16.36
CA HIS A 226 -7.85 38.33 15.15
C HIS A 226 -8.82 38.29 13.96
N ASP A 227 -9.93 39.03 14.08
CA ASP A 227 -11.10 39.05 13.15
C ASP A 227 -10.66 39.47 11.73
N GLU A 228 -9.71 40.41 11.60
CA GLU A 228 -9.48 41.19 10.34
C GLU A 228 -8.79 40.32 9.28
N GLU A 229 -7.73 39.59 9.64
CA GLU A 229 -6.97 38.69 8.72
C GLU A 229 -7.88 37.54 8.20
N VAL A 230 -8.83 37.08 9.00
CA VAL A 230 -9.88 36.09 8.57
C VAL A 230 -10.72 36.66 7.40
N LEU A 231 -11.13 37.93 7.41
CA LEU A 231 -11.95 38.53 6.31
C LEU A 231 -11.14 38.64 4.99
N LYS A 232 -9.88 39.06 5.09
N LYS A 232 -9.89 39.09 5.10
CA LYS A 232 -8.96 39.15 3.93
CA LYS A 232 -8.93 39.16 3.96
C LYS A 232 -8.71 37.76 3.35
C LYS A 232 -8.76 37.76 3.35
N THR A 233 -8.67 36.73 4.19
CA THR A 233 -8.43 35.32 3.71
C THR A 233 -9.62 34.81 2.89
N ILE A 234 -10.83 35.05 3.39
CA ILE A 234 -12.12 34.70 2.72
C ILE A 234 -12.23 35.46 1.39
N ASP A 235 -11.94 36.76 1.41
CA ASP A 235 -12.06 37.63 0.21
C ASP A 235 -11.05 37.19 -0.90
N GLU A 236 -9.79 37.07 -0.54
CA GLU A 236 -8.71 36.61 -1.46
C GLU A 236 -8.93 35.12 -1.85
N GLY A 237 -9.57 34.36 -0.97
CA GLY A 237 -10.00 32.98 -1.23
C GLY A 237 -11.04 32.85 -2.32
N ASP A 238 -11.65 33.97 -2.80
CA ASP A 238 -12.60 33.99 -3.96
C ASP A 238 -14.04 33.64 -3.49
N ALA A 239 -14.36 33.81 -2.21
CA ALA A 239 -15.70 33.48 -1.65
C ALA A 239 -16.76 34.42 -2.26
N ASP A 240 -17.97 33.92 -2.53
CA ASP A 240 -19.06 34.69 -3.20
C ASP A 240 -19.67 35.69 -2.21
N GLU A 241 -20.51 36.61 -2.72
CA GLU A 241 -21.05 37.74 -1.92
C GLU A 241 -22.08 37.22 -0.90
N VAL A 242 -22.83 36.18 -1.23
CA VAL A 242 -23.85 35.57 -0.31
C VAL A 242 -23.12 34.92 0.90
N THR A 243 -22.00 34.23 0.67
CA THR A 243 -21.16 33.63 1.74
C THR A 243 -20.67 34.74 2.68
N LYS A 244 -20.28 35.89 2.14
CA LYS A 244 -19.81 37.01 3.01
C LYS A 244 -20.96 37.52 3.90
N GLU A 245 -22.21 37.43 3.45
CA GLU A 245 -23.40 37.85 4.23
C GLU A 245 -23.64 36.95 5.45
N ARG A 246 -23.28 35.63 5.45
CA ARG A 246 -23.55 34.73 6.62
C ARG A 246 -22.78 35.22 7.87
N ILE A 247 -21.63 35.86 7.68
CA ILE A 247 -20.79 36.51 8.74
C ILE A 247 -21.48 37.79 9.25
N HIS A 248 -21.56 38.81 8.38
CA HIS A 248 -21.91 40.21 8.73
C HIS A 248 -23.38 40.30 9.17
N ASP A 249 -24.26 39.44 8.65
CA ASP A 249 -25.75 39.57 8.81
C ASP A 249 -26.29 38.59 9.87
N HIS A 250 -25.80 37.33 9.95
CA HIS A 250 -26.36 36.26 10.84
C HIS A 250 -25.38 35.87 11.97
N LYS A 251 -24.14 36.38 11.95
CA LYS A 251 -23.09 36.17 12.98
C LYS A 251 -22.78 34.67 13.19
N GLU A 252 -22.98 33.80 12.18
CA GLU A 252 -22.53 32.37 12.23
C GLU A 252 -21.00 32.30 12.37
N LYS A 253 -20.48 31.18 12.93
CA LYS A 253 -19.02 30.96 13.18
C LYS A 253 -18.39 30.25 11.97
N PRO A 254 -17.46 30.89 11.21
CA PRO A 254 -16.78 30.26 10.07
C PRO A 254 -15.62 29.40 10.57
N GLY A 255 -15.56 28.16 10.10
CA GLY A 255 -14.51 27.22 10.48
C GLY A 255 -13.38 27.16 9.49
N ALA A 256 -13.67 26.81 8.22
CA ALA A 256 -12.61 26.45 7.26
C ALA A 256 -12.99 26.88 5.85
N LEU A 257 -11.99 27.31 5.10
CA LEU A 257 -12.11 27.65 3.65
C LEU A 257 -11.66 26.41 2.84
N TRP A 258 -12.53 25.90 1.97
CA TRP A 258 -12.23 24.77 1.05
C TRP A 258 -12.07 25.30 -0.39
N HIS A 259 -11.25 24.65 -1.22
CA HIS A 259 -11.35 24.74 -2.70
C HIS A 259 -11.54 23.31 -3.19
N ILE A 260 -12.58 23.10 -4.00
CA ILE A 260 -12.90 21.77 -4.58
C ILE A 260 -12.90 21.98 -6.10
N TYR A 261 -12.38 21.00 -6.81
CA TYR A 261 -12.31 20.96 -8.30
C TYR A 261 -13.02 19.72 -8.84
N ALA A 262 -13.67 19.82 -10.02
CA ALA A 262 -14.36 18.68 -10.65
C ALA A 262 -13.37 17.54 -10.94
N ALA A 263 -13.78 16.30 -10.76
CA ALA A 263 -12.97 15.10 -11.06
C ALA A 263 -12.44 15.19 -12.50
N LYS A 264 -13.22 15.78 -13.41
CA LYS A 264 -12.83 15.81 -14.86
C LYS A 264 -11.64 16.74 -15.06
N ASP A 265 -11.31 17.63 -14.11
CA ASP A 265 -10.21 18.61 -14.23
C ASP A 265 -8.93 18.13 -13.54
N ALA A 266 -8.91 16.91 -12.96
CA ALA A 266 -7.74 16.46 -12.15
C ALA A 266 -6.44 16.43 -12.99
N GLU A 267 -6.50 15.96 -14.26
CA GLU A 267 -5.25 15.87 -15.09
C GLU A 267 -4.70 17.26 -15.43
N LYS A 268 -5.55 18.24 -15.75
CA LYS A 268 -5.11 19.62 -16.02
C LYS A 268 -4.43 20.21 -14.77
N ILE A 269 -4.95 19.92 -13.58
CA ILE A 269 -4.28 20.35 -12.32
C ILE A 269 -2.90 19.66 -12.24
N ARG A 270 -2.80 18.35 -12.52
CA ARG A 270 -1.47 17.67 -12.52
C ARG A 270 -0.49 18.36 -13.50
N GLU A 271 -0.94 18.78 -14.67
CA GLU A 271 -0.07 19.48 -15.67
C GLU A 271 0.44 20.79 -15.06
N LEU A 272 -0.40 21.60 -14.44
CA LEU A 272 0.03 22.88 -13.80
C LEU A 272 1.10 22.57 -12.74
N LEU A 273 0.85 21.60 -11.87
CA LEU A 273 1.76 21.34 -10.72
C LEU A 273 3.09 20.74 -11.22
N ARG A 274 3.09 19.97 -12.31
CA ARG A 274 4.39 19.50 -12.91
C ARG A 274 5.20 20.68 -13.45
N LYS A 275 4.57 21.63 -14.13
CA LYS A 275 5.22 22.87 -14.65
C LYS A 275 5.75 23.71 -13.49
N VAL A 276 4.93 23.96 -12.47
CA VAL A 276 5.41 24.75 -11.29
C VAL A 276 6.53 24.01 -10.53
N GLY A 277 6.44 22.70 -10.31
CA GLY A 277 7.51 21.90 -9.68
C GLY A 277 8.84 22.05 -10.43
N GLU A 278 8.79 22.07 -11.75
CA GLU A 278 9.97 22.24 -12.64
C GLU A 278 10.50 23.68 -12.48
N GLU A 279 9.63 24.69 -12.56
CA GLU A 279 10.02 26.11 -12.38
C GLU A 279 10.72 26.28 -11.02
N GLN A 280 10.31 25.56 -9.97
CA GLN A 280 10.88 25.72 -8.61
C GLN A 280 12.09 24.80 -8.42
N GLY A 281 12.60 24.19 -9.50
CA GLY A 281 13.82 23.37 -9.45
C GLY A 281 13.60 22.04 -8.77
N GLN A 282 12.36 21.57 -8.58
CA GLN A 282 12.14 20.13 -8.25
C GLN A 282 12.60 19.32 -9.46
N GLU A 283 13.02 18.07 -9.27
CA GLU A 283 13.49 17.23 -10.39
C GLU A 283 12.64 15.96 -10.36
N ASN A 284 11.53 15.99 -11.10
CA ASN A 284 10.46 14.97 -11.06
C ASN A 284 10.37 14.32 -12.44
N PRO A 285 10.14 12.99 -12.55
CA PRO A 285 9.82 12.36 -13.83
C PRO A 285 8.53 12.90 -14.45
N PRO A 286 8.37 12.84 -15.78
CA PRO A 286 7.28 13.54 -16.48
C PRO A 286 5.86 13.05 -16.13
N ASP A 287 5.78 11.88 -15.48
CA ASP A 287 4.54 11.11 -15.20
C ASP A 287 4.21 11.13 -13.70
N HIS A 288 5.04 11.72 -12.83
CA HIS A 288 4.79 11.64 -11.35
C HIS A 288 3.48 12.38 -11.06
N ASP A 289 2.85 12.01 -9.95
CA ASP A 289 1.46 12.48 -9.61
C ASP A 289 1.50 13.47 -8.46
N PRO A 290 1.51 14.79 -8.73
CA PRO A 290 1.55 15.82 -7.67
C PRO A 290 0.28 15.90 -6.82
N ILE A 291 -0.86 15.42 -7.32
CA ILE A 291 -2.06 15.32 -6.45
C ILE A 291 -1.90 14.16 -5.43
N HIS A 292 -1.52 12.94 -5.86
CA HIS A 292 -1.35 11.79 -4.94
C HIS A 292 -0.30 12.11 -3.85
N ASP A 293 0.74 12.85 -4.20
CA ASP A 293 1.83 13.28 -3.29
C ASP A 293 1.34 14.14 -2.11
N GLN A 294 0.24 14.89 -2.26
CA GLN A 294 -0.41 15.64 -1.14
C GLN A 294 0.57 16.69 -0.61
N SER A 295 1.35 17.27 -1.49
CA SER A 295 2.44 18.20 -1.13
C SER A 295 2.13 19.65 -1.52
N TRP A 296 1.05 19.93 -2.26
CA TRP A 296 0.74 21.28 -2.75
C TRP A 296 -0.48 21.91 -2.05
N TYR A 297 -0.43 23.21 -1.78
CA TYR A 297 -1.62 24.06 -1.47
C TYR A 297 -1.72 25.13 -2.56
N LEU A 298 -2.85 25.20 -3.26
CA LEU A 298 -3.06 26.24 -4.29
C LEU A 298 -3.40 27.56 -3.59
N ASP A 299 -2.43 28.48 -3.54
CA ASP A 299 -2.61 29.85 -3.02
C ASP A 299 -3.26 30.75 -4.09
N GLN A 300 -3.53 32.02 -3.79
CA GLN A 300 -4.19 32.92 -4.75
C GLN A 300 -3.47 32.91 -6.11
N THR A 301 -2.13 32.95 -6.12
CA THR A 301 -1.30 32.99 -7.37
C THR A 301 -1.59 31.72 -8.18
N LEU A 302 -1.52 30.56 -7.53
CA LEU A 302 -1.68 29.27 -8.26
C LEU A 302 -3.14 29.13 -8.74
N ARG A 303 -4.13 29.60 -7.97
CA ARG A 303 -5.56 29.41 -8.35
C ARG A 303 -5.79 30.26 -9.59
N LYS A 304 -5.19 31.46 -9.64
CA LYS A 304 -5.42 32.36 -10.81
C LYS A 304 -4.74 31.76 -12.06
N ARG A 305 -3.56 31.20 -11.92
CA ARG A 305 -2.81 30.54 -13.01
C ARG A 305 -3.58 29.32 -13.51
N LEU A 306 -4.28 28.60 -12.64
CA LEU A 306 -5.07 27.40 -13.06
C LEU A 306 -6.22 27.87 -13.96
N TYR A 307 -6.88 28.95 -13.57
CA TYR A 307 -8.01 29.55 -14.32
C TYR A 307 -7.45 30.10 -15.67
N GLU A 308 -6.40 30.95 -15.63
CA GLU A 308 -6.01 31.75 -16.83
C GLU A 308 -5.33 30.84 -17.86
N GLU A 309 -4.42 29.96 -17.43
CA GLU A 309 -3.51 29.15 -18.29
C GLU A 309 -4.15 27.81 -18.70
N TYR A 310 -5.08 27.26 -17.89
CA TYR A 310 -5.62 25.89 -18.14
C TYR A 310 -7.15 25.90 -18.27
N GLY A 311 -7.82 27.03 -18.03
CA GLY A 311 -9.28 27.11 -18.18
C GLY A 311 -10.11 26.41 -17.10
N VAL A 312 -9.53 26.20 -15.91
CA VAL A 312 -10.18 25.41 -14.82
C VAL A 312 -10.70 26.35 -13.71
N GLN A 313 -11.98 26.22 -13.41
CA GLN A 313 -12.70 26.94 -12.32
C GLN A 313 -13.02 25.92 -11.23
N GLY A 314 -12.90 26.32 -9.98
CA GLY A 314 -13.30 25.48 -8.83
C GLY A 314 -14.44 26.10 -8.05
N TRP A 315 -14.71 25.53 -6.90
CA TRP A 315 -15.73 25.99 -5.94
C TRP A 315 -14.95 26.42 -4.68
N ALA A 316 -15.08 27.67 -4.26
CA ALA A 316 -14.57 28.20 -2.98
C ALA A 316 -15.68 28.17 -1.95
N ILE A 317 -15.54 27.37 -0.89
CA ILE A 317 -16.63 27.04 0.06
C ILE A 317 -16.16 27.41 1.48
N VAL A 318 -16.92 28.22 2.19
CA VAL A 318 -16.67 28.45 3.65
C VAL A 318 -17.62 27.53 4.43
N GLN A 319 -17.03 26.61 5.21
CA GLN A 319 -17.76 25.63 6.04
C GLN A 319 -17.91 26.23 7.46
N PHE A 320 -19.12 26.64 7.79
CA PHE A 320 -19.50 27.23 9.12
C PHE A 320 -19.81 26.08 10.09
N LEU A 321 -19.89 26.37 11.41
CA LEU A 321 -20.38 25.39 12.41
C LEU A 321 -21.70 24.76 11.93
N GLY A 322 -21.72 23.44 11.92
CA GLY A 322 -22.87 22.61 11.56
C GLY A 322 -23.06 22.42 10.05
N ASP A 323 -22.19 22.92 9.22
CA ASP A 323 -22.23 22.64 7.75
C ASP A 323 -21.63 21.25 7.45
N ALA A 324 -22.31 20.47 6.61
CA ALA A 324 -21.86 19.19 6.05
C ALA A 324 -21.45 19.43 4.59
N VAL A 325 -20.18 19.24 4.26
CA VAL A 325 -19.68 19.34 2.83
C VAL A 325 -19.66 17.93 2.22
N PHE A 326 -20.35 17.73 1.10
CA PHE A 326 -20.36 16.49 0.28
C PHE A 326 -19.29 16.66 -0.79
N ILE A 327 -18.27 15.76 -0.79
CA ILE A 327 -17.13 15.81 -1.75
C ILE A 327 -17.24 14.61 -2.71
N PRO A 328 -17.44 14.83 -4.01
CA PRO A 328 -17.59 13.73 -4.98
C PRO A 328 -16.26 12.95 -5.15
N ALA A 329 -16.37 11.63 -5.25
CA ALA A 329 -15.22 10.76 -5.60
C ALA A 329 -14.46 11.31 -6.81
N GLY A 330 -13.12 11.33 -6.69
CA GLY A 330 -12.22 11.79 -7.75
C GLY A 330 -11.98 13.31 -7.76
N ALA A 331 -12.73 14.08 -6.97
CA ALA A 331 -12.63 15.56 -6.99
C ALA A 331 -11.44 16.04 -6.18
N PRO A 332 -10.43 16.69 -6.78
CA PRO A 332 -9.31 17.26 -6.03
C PRO A 332 -9.81 18.34 -5.05
N HIS A 333 -9.31 18.35 -3.80
CA HIS A 333 -9.76 19.36 -2.79
C HIS A 333 -8.67 19.62 -1.73
N GLN A 334 -8.74 20.83 -1.18
CA GLN A 334 -7.81 21.34 -0.13
C GLN A 334 -8.63 22.08 0.94
N VAL A 335 -8.06 22.21 2.15
CA VAL A 335 -8.78 22.75 3.33
C VAL A 335 -7.83 23.67 4.09
N HIS A 336 -8.28 24.87 4.47
CA HIS A 336 -7.52 25.93 5.16
C HIS A 336 -8.36 26.38 6.38
N ASN A 337 -7.98 26.01 7.60
CA ASN A 337 -8.77 26.39 8.80
C ASN A 337 -8.58 27.89 9.10
N LEU A 338 -9.71 28.57 9.31
CA LEU A 338 -9.79 30.01 9.65
C LEU A 338 -9.66 30.13 11.17
N TYR A 339 -10.39 29.27 11.88
CA TYR A 339 -10.31 29.13 13.37
C TYR A 339 -10.04 27.66 13.72
N SER A 340 -9.86 27.35 15.02
CA SER A 340 -9.68 25.95 15.48
C SER A 340 -10.93 25.11 15.17
N CYS A 341 -10.76 23.95 14.51
CA CYS A 341 -11.89 23.12 14.03
C CYS A 341 -11.84 21.69 14.52
N ILE A 342 -13.01 21.15 14.82
CA ILE A 342 -13.31 19.70 14.95
C ILE A 342 -14.23 19.32 13.80
N LYS A 343 -13.74 18.52 12.89
CA LYS A 343 -14.55 17.96 11.77
C LYS A 343 -14.67 16.45 11.94
N VAL A 344 -15.79 15.88 11.53
CA VAL A 344 -15.96 14.41 11.48
C VAL A 344 -16.48 14.01 10.10
N ALA A 345 -15.85 13.03 9.47
CA ALA A 345 -16.16 12.68 8.06
C ALA A 345 -16.50 11.20 7.96
N GLU A 346 -17.41 10.84 7.05
CA GLU A 346 -17.76 9.43 6.74
C GLU A 346 -17.60 9.22 5.24
N ASP A 347 -16.91 8.17 4.81
CA ASP A 347 -16.84 7.79 3.39
C ASP A 347 -18.04 6.93 3.00
N PHE A 348 -18.40 6.96 1.72
CA PHE A 348 -19.52 6.15 1.15
C PHE A 348 -19.27 5.98 -0.35
N VAL A 349 -19.99 5.04 -0.98
CA VAL A 349 -19.86 4.76 -2.43
C VAL A 349 -21.24 4.91 -3.07
N SER A 350 -21.54 6.08 -3.61
CA SER A 350 -22.79 6.31 -4.36
C SER A 350 -22.74 5.62 -5.72
N PRO A 351 -23.91 5.21 -6.26
CA PRO A 351 -23.92 4.64 -7.59
C PRO A 351 -23.49 5.61 -8.69
N GLU A 352 -23.76 6.93 -8.48
CA GLU A 352 -23.40 8.02 -9.43
C GLU A 352 -21.90 8.03 -9.71
N HIS A 353 -21.06 7.66 -8.73
CA HIS A 353 -19.58 7.87 -8.85
C HIS A 353 -18.78 6.58 -8.63
N VAL A 354 -19.43 5.41 -8.66
CA VAL A 354 -18.72 4.11 -8.46
C VAL A 354 -17.59 3.91 -9.49
N LYS A 355 -17.65 4.43 -10.73
CA LYS A 355 -16.51 4.29 -11.69
C LYS A 355 -15.18 4.70 -11.09
N HIS A 356 -15.14 5.64 -10.12
CA HIS A 356 -13.86 6.21 -9.61
C HIS A 356 -13.09 5.18 -8.78
N CYS A 357 -13.72 4.11 -8.23
CA CYS A 357 -13.01 3.10 -7.40
C CYS A 357 -12.82 1.76 -8.14
N PHE A 358 -13.20 1.64 -9.42
CA PHE A 358 -13.06 0.37 -10.19
C PHE A 358 -11.55 0.16 -10.51
N ARG A 359 -11.06 -1.06 -10.34
CA ARG A 359 -9.61 -1.37 -10.48
C ARG A 359 -9.22 -1.70 -11.94
N LEU A 360 -10.10 -1.70 -12.93
CA LEU A 360 -9.68 -1.93 -14.34
C LEU A 360 -9.99 -0.73 -15.25
N THR A 361 -9.45 -0.77 -16.47
CA THR A 361 -9.63 0.17 -17.62
C THR A 361 -9.52 1.61 -17.13
N MET B 23 34.64 -35.19 -16.34
CA MET B 23 34.29 -34.61 -17.66
C MET B 23 32.82 -34.15 -17.63
N THR B 24 32.14 -34.31 -16.50
CA THR B 24 30.79 -33.70 -16.31
C THR B 24 30.88 -32.20 -16.62
N SER B 25 30.03 -31.70 -17.53
CA SER B 25 29.94 -30.26 -17.88
C SER B 25 29.51 -29.46 -16.66
N HIS B 26 30.36 -28.52 -16.24
CA HIS B 26 30.10 -27.63 -15.11
C HIS B 26 30.92 -26.35 -15.19
N SER B 27 30.57 -25.38 -14.34
CA SER B 27 31.34 -24.12 -14.11
C SER B 27 31.03 -23.64 -12.70
N TRP B 28 31.71 -22.61 -12.23
CA TRP B 28 31.64 -22.10 -10.85
C TRP B 28 31.26 -20.62 -10.98
N LEU B 29 30.15 -20.20 -10.37
CA LEU B 29 29.72 -18.77 -10.38
C LEU B 29 29.84 -18.21 -8.97
N CYS B 30 29.35 -16.98 -8.72
CA CYS B 30 29.51 -16.33 -7.38
C CYS B 30 31.00 -16.39 -6.97
N ASP B 31 31.90 -15.97 -7.87
CA ASP B 31 33.37 -15.90 -7.61
C ASP B 31 33.90 -17.26 -7.11
N GLY B 32 33.56 -18.37 -7.78
CA GLY B 32 34.03 -19.75 -7.46
C GLY B 32 33.21 -20.52 -6.43
N ARG B 33 32.16 -19.94 -5.81
CA ARG B 33 31.49 -20.52 -4.61
C ARG B 33 30.15 -21.23 -4.98
N LEU B 34 29.70 -21.18 -6.24
CA LEU B 34 28.40 -21.83 -6.65
C LEU B 34 28.65 -22.81 -7.80
N LEU B 35 28.42 -24.13 -7.58
CA LEU B 35 28.43 -25.12 -8.65
C LEU B 35 27.28 -24.89 -9.61
N CYS B 36 27.56 -24.84 -10.91
CA CYS B 36 26.53 -24.80 -11.96
C CYS B 36 26.75 -26.03 -12.85
N LEU B 37 25.86 -27.01 -12.84
CA LEU B 37 25.87 -28.22 -13.71
C LEU B 37 25.06 -27.91 -14.97
N HIS B 38 25.56 -28.22 -16.17
CA HIS B 38 24.98 -27.74 -17.47
C HIS B 38 24.25 -28.83 -18.26
N ASP B 39 24.38 -30.11 -17.93
CA ASP B 39 23.58 -31.17 -18.58
C ASP B 39 22.63 -31.79 -17.56
N PRO B 40 21.32 -31.44 -17.59
CA PRO B 40 20.39 -31.91 -16.56
C PRO B 40 20.19 -33.42 -16.46
N SER B 41 20.42 -34.17 -17.54
CA SER B 41 20.24 -35.65 -17.58
C SER B 41 21.58 -36.43 -17.47
N ASN B 42 22.70 -35.78 -17.17
CA ASN B 42 23.98 -36.55 -17.00
C ASN B 42 23.91 -37.37 -15.71
N LYS B 43 24.02 -38.69 -15.82
CA LYS B 43 23.91 -39.64 -14.69
C LYS B 43 25.07 -39.48 -13.68
N ASN B 44 26.17 -38.81 -14.05
CA ASN B 44 27.33 -38.53 -13.15
C ASN B 44 27.19 -37.18 -12.40
N ASN B 45 26.04 -36.47 -12.49
CA ASN B 45 25.93 -35.12 -11.86
C ASN B 45 26.17 -35.21 -10.36
N TRP B 46 25.79 -36.32 -9.71
CA TRP B 46 25.91 -36.50 -8.24
C TRP B 46 27.38 -36.34 -7.76
N LYS B 47 28.35 -36.65 -8.61
CA LYS B 47 29.78 -36.75 -8.16
C LYS B 47 30.31 -35.43 -7.58
N ILE B 48 30.18 -34.32 -8.31
CA ILE B 48 30.68 -32.98 -7.84
C ILE B 48 29.63 -32.31 -6.90
N PHE B 49 28.36 -32.58 -7.15
CA PHE B 49 27.23 -32.11 -6.27
C PHE B 49 27.44 -32.50 -4.80
N ARG B 50 27.87 -33.74 -4.53
CA ARG B 50 27.92 -34.32 -3.14
C ARG B 50 28.66 -33.42 -2.16
N GLU B 51 29.89 -32.98 -2.47
CA GLU B 51 30.70 -32.22 -1.49
C GLU B 51 30.08 -30.83 -1.31
N CYS B 52 29.57 -30.18 -2.39
CA CYS B 52 28.94 -28.84 -2.26
C CYS B 52 27.72 -28.94 -1.31
N TRP B 53 26.92 -29.98 -1.50
CA TRP B 53 25.69 -30.20 -0.70
C TRP B 53 26.06 -30.56 0.74
N LYS B 54 27.11 -31.38 0.97
CA LYS B 54 27.58 -31.64 2.36
C LYS B 54 28.03 -30.36 3.07
N GLN B 55 28.69 -29.41 2.41
CA GLN B 55 29.16 -28.14 2.99
C GLN B 55 28.00 -27.15 3.15
N GLY B 56 26.78 -27.53 2.77
CA GLY B 56 25.57 -26.70 2.97
C GLY B 56 25.42 -25.58 1.94
N GLN B 57 25.95 -25.77 0.75
CA GLN B 57 25.87 -24.78 -0.36
C GLN B 57 24.65 -25.06 -1.24
N PRO B 58 23.97 -24.02 -1.77
CA PRO B 58 23.06 -24.22 -2.88
C PRO B 58 23.85 -24.64 -4.12
N VAL B 59 23.17 -25.24 -5.08
CA VAL B 59 23.69 -25.71 -6.39
C VAL B 59 22.70 -25.29 -7.47
N LEU B 60 23.17 -24.99 -8.68
CA LEU B 60 22.30 -24.68 -9.85
C LEU B 60 22.49 -25.72 -10.97
N VAL B 61 21.41 -26.14 -11.61
CA VAL B 61 21.45 -27.04 -12.78
C VAL B 61 20.70 -26.30 -13.89
N SER B 62 21.35 -26.06 -15.02
CA SER B 62 20.78 -25.29 -16.14
C SER B 62 20.20 -26.25 -17.18
N GLY B 63 19.32 -25.76 -18.07
CA GLY B 63 18.85 -26.51 -19.25
C GLY B 63 17.57 -27.32 -19.07
N VAL B 64 16.86 -27.24 -17.93
CA VAL B 64 15.68 -28.10 -17.66
C VAL B 64 14.57 -27.76 -18.67
N HIS B 65 14.49 -26.51 -19.13
CA HIS B 65 13.43 -26.03 -20.08
C HIS B 65 13.47 -26.81 -21.40
N LYS B 66 14.67 -27.18 -21.82
CA LYS B 66 14.91 -27.97 -23.07
C LYS B 66 14.34 -29.37 -22.93
N LYS B 67 14.14 -29.88 -21.71
CA LYS B 67 13.58 -31.23 -21.48
C LYS B 67 12.04 -31.24 -21.40
N LEU B 68 11.39 -30.09 -21.20
CA LEU B 68 9.93 -29.99 -20.96
C LEU B 68 9.21 -29.76 -22.32
N LYS B 69 7.89 -29.96 -22.32
CA LYS B 69 6.93 -29.53 -23.39
C LYS B 69 6.56 -28.06 -23.19
N SER B 70 7.18 -27.16 -23.93
CA SER B 70 7.09 -25.69 -23.70
C SER B 70 5.62 -25.20 -23.79
N GLU B 71 4.75 -25.84 -24.58
CA GLU B 71 3.32 -25.45 -24.80
C GLU B 71 2.51 -25.64 -23.50
N LEU B 72 2.94 -26.53 -22.60
CA LEU B 72 2.25 -26.78 -21.31
C LEU B 72 2.54 -25.64 -20.31
N TRP B 73 3.56 -24.81 -20.50
CA TRP B 73 4.03 -23.88 -19.44
C TRP B 73 3.82 -22.41 -19.85
N LYS B 74 2.83 -22.11 -20.68
CA LYS B 74 2.60 -20.74 -21.20
C LYS B 74 1.44 -20.08 -20.43
N PRO B 75 1.55 -18.77 -20.10
CA PRO B 75 0.48 -18.05 -19.41
C PRO B 75 -0.89 -18.13 -20.11
N GLU B 76 -0.91 -18.07 -21.45
CA GLU B 76 -2.15 -18.17 -22.28
C GLU B 76 -2.85 -19.52 -22.08
N ALA B 77 -2.12 -20.63 -21.97
CA ALA B 77 -2.71 -21.97 -21.75
C ALA B 77 -3.30 -22.07 -20.35
N PHE B 78 -2.65 -21.53 -19.32
CA PHE B 78 -3.22 -21.55 -17.95
C PHE B 78 -4.55 -20.76 -17.96
N SER B 79 -4.58 -19.61 -18.63
CA SER B 79 -5.78 -18.73 -18.70
C SER B 79 -6.92 -19.46 -19.43
N GLN B 80 -6.67 -20.06 -20.60
CA GLN B 80 -7.73 -20.75 -21.38
C GLN B 80 -8.24 -21.98 -20.64
N GLU B 81 -7.36 -22.76 -20.00
CA GLU B 81 -7.75 -24.00 -19.34
C GLU B 81 -8.43 -23.75 -18.01
N PHE B 82 -8.03 -22.74 -17.23
CA PHE B 82 -8.42 -22.68 -15.79
C PHE B 82 -8.93 -21.28 -15.37
N GLY B 83 -9.21 -20.41 -16.31
CA GLY B 83 -9.35 -18.95 -16.10
C GLY B 83 -10.67 -18.56 -15.39
N ASP B 84 -11.66 -19.47 -15.32
CA ASP B 84 -12.97 -19.11 -14.67
C ASP B 84 -12.96 -19.55 -13.21
N GLN B 85 -11.84 -20.07 -12.70
CA GLN B 85 -11.70 -20.40 -11.26
C GLN B 85 -11.60 -19.11 -10.42
N ASP B 86 -12.08 -19.15 -9.20
CA ASP B 86 -11.97 -18.03 -8.24
C ASP B 86 -10.70 -18.21 -7.41
N VAL B 87 -10.03 -17.09 -7.11
CA VAL B 87 -8.70 -17.15 -6.44
C VAL B 87 -8.44 -15.84 -5.66
N ASP B 88 -7.50 -15.89 -4.72
CA ASP B 88 -6.97 -14.67 -4.06
C ASP B 88 -5.61 -14.29 -4.66
N LEU B 89 -5.35 -12.99 -4.75
CA LEU B 89 -4.03 -12.45 -5.17
C LEU B 89 -3.44 -11.65 -4.01
N VAL B 90 -2.10 -11.49 -4.01
CA VAL B 90 -1.38 -10.62 -3.04
C VAL B 90 -0.70 -9.48 -3.81
N ASN B 91 -0.90 -8.25 -3.34
CA ASN B 91 -0.18 -7.04 -3.76
C ASN B 91 1.21 -7.08 -3.11
N CYS B 92 2.27 -7.32 -3.90
CA CYS B 92 3.67 -7.48 -3.40
C CYS B 92 4.15 -6.21 -2.71
N ARG B 93 3.64 -5.02 -3.10
CA ARG B 93 4.12 -3.72 -2.52
C ARG B 93 3.63 -3.53 -1.08
N ASN B 94 2.41 -3.95 -0.73
CA ASN B 94 1.84 -3.64 0.61
C ASN B 94 1.31 -4.88 1.33
N CYS B 95 1.50 -6.08 0.77
CA CYS B 95 1.03 -7.40 1.30
C CYS B 95 -0.49 -7.48 1.40
N ALA B 96 -1.25 -6.59 0.78
CA ALA B 96 -2.74 -6.65 0.84
C ALA B 96 -3.28 -7.86 0.05
N ILE B 97 -4.34 -8.50 0.53
CA ILE B 97 -5.01 -9.61 -0.22
C ILE B 97 -6.14 -9.04 -1.07
N ILE B 98 -6.15 -9.32 -2.37
CA ILE B 98 -7.28 -9.04 -3.30
C ILE B 98 -8.09 -10.34 -3.38
N SER B 99 -9.22 -10.45 -2.66
CA SER B 99 -9.94 -11.74 -2.49
C SER B 99 -10.98 -12.00 -3.60
N ASP B 100 -11.04 -13.25 -4.05
CA ASP B 100 -12.15 -13.78 -4.84
C ASP B 100 -12.28 -13.07 -6.18
N VAL B 101 -11.20 -13.02 -6.96
CA VAL B 101 -11.21 -12.61 -8.38
C VAL B 101 -11.00 -13.85 -9.25
N LYS B 102 -11.00 -13.67 -10.56
CA LYS B 102 -10.86 -14.78 -11.55
C LYS B 102 -9.38 -15.02 -11.88
N VAL B 103 -8.99 -16.28 -11.97
CA VAL B 103 -7.61 -16.73 -12.40
C VAL B 103 -7.26 -16.00 -13.70
N ARG B 104 -8.20 -15.78 -14.64
CA ARG B 104 -7.87 -15.08 -15.93
C ARG B 104 -7.48 -13.60 -15.69
N ASP B 105 -7.94 -12.94 -14.62
CA ASP B 105 -7.57 -11.51 -14.40
C ASP B 105 -6.11 -11.44 -13.93
N PHE B 106 -5.53 -12.50 -13.35
CA PHE B 106 -4.07 -12.56 -13.09
C PHE B 106 -3.33 -12.83 -14.41
N TRP B 107 -3.64 -13.91 -15.13
CA TRP B 107 -2.84 -14.32 -16.32
C TRP B 107 -2.94 -13.30 -17.46
N ASP B 108 -4.07 -12.63 -17.64
CA ASP B 108 -4.21 -11.74 -18.82
C ASP B 108 -3.34 -10.47 -18.67
N GLY B 109 -2.90 -10.11 -17.45
CA GLY B 109 -1.95 -9.04 -17.14
C GLY B 109 -0.50 -9.51 -16.95
N PHE B 110 -0.22 -10.79 -17.17
CA PHE B 110 1.14 -11.36 -16.88
C PHE B 110 2.23 -10.59 -17.65
N GLU B 111 1.96 -10.27 -18.91
CA GLU B 111 2.96 -9.58 -19.78
C GLU B 111 2.42 -8.27 -20.36
N ILE B 112 1.12 -8.00 -20.28
CA ILE B 112 0.47 -6.73 -20.77
C ILE B 112 0.11 -5.86 -19.57
N ILE B 113 0.89 -4.83 -19.28
CA ILE B 113 0.83 -4.06 -18.01
C ILE B 113 -0.49 -3.26 -17.93
N CYS B 114 -0.98 -2.75 -19.07
CA CYS B 114 -2.23 -1.92 -19.11
C CYS B 114 -3.45 -2.80 -18.72
N LYS B 115 -3.34 -4.13 -18.77
CA LYS B 115 -4.45 -5.08 -18.44
C LYS B 115 -4.49 -5.43 -16.93
N ARG B 116 -3.55 -4.95 -16.14
CA ARG B 116 -3.46 -5.38 -14.71
C ARG B 116 -4.50 -4.68 -13.86
N LEU B 117 -4.96 -5.36 -12.81
CA LEU B 117 -5.69 -4.71 -11.69
C LEU B 117 -4.85 -3.57 -11.10
N ARG B 118 -5.49 -2.46 -10.76
CA ARG B 118 -4.83 -1.24 -10.25
C ARG B 118 -5.08 -1.01 -8.77
N SER B 119 -4.17 -0.26 -8.13
CA SER B 119 -4.27 0.15 -6.71
C SER B 119 -5.00 1.53 -6.68
N GLU B 120 -5.24 2.03 -5.49
CA GLU B 120 -5.95 3.33 -5.17
C GLU B 120 -5.27 4.47 -5.96
N ASP B 121 -3.96 4.40 -6.21
CA ASP B 121 -3.18 5.47 -6.89
C ASP B 121 -3.32 5.43 -8.41
N GLY B 122 -4.13 4.52 -8.97
CA GLY B 122 -4.27 4.33 -10.41
C GLY B 122 -3.11 3.57 -11.07
N GLN B 123 -2.12 3.09 -10.30
CA GLN B 123 -0.97 2.36 -10.86
C GLN B 123 -1.31 0.88 -10.99
N PRO B 124 -0.81 0.21 -12.05
CA PRO B 124 -0.89 -1.25 -12.18
C PRO B 124 -0.19 -1.92 -10.99
N MET B 125 -0.83 -2.93 -10.40
CA MET B 125 -0.22 -3.62 -9.24
C MET B 125 0.78 -4.69 -9.74
N VAL B 126 1.76 -4.94 -8.89
CA VAL B 126 2.66 -6.14 -8.95
C VAL B 126 2.01 -7.19 -8.05
N LEU B 127 1.50 -8.26 -8.68
CA LEU B 127 0.64 -9.28 -8.03
C LEU B 127 1.33 -10.66 -8.01
N LYS B 128 1.02 -11.45 -6.98
CA LYS B 128 1.31 -12.91 -6.97
C LYS B 128 0.02 -13.70 -6.77
N LEU B 129 -0.09 -14.83 -7.42
CA LEU B 129 -1.25 -15.73 -7.28
C LEU B 129 -1.04 -16.52 -6.00
N LYS B 130 -1.98 -16.47 -5.05
CA LYS B 130 -1.86 -17.17 -3.76
C LYS B 130 -2.43 -18.59 -3.88
N ASP B 131 -1.68 -19.57 -3.40
CA ASP B 131 -2.17 -20.96 -3.12
C ASP B 131 -2.87 -21.53 -4.37
N TRP B 132 -2.18 -21.58 -5.51
CA TRP B 132 -2.80 -22.06 -6.76
C TRP B 132 -1.83 -22.93 -7.54
N PRO B 133 -2.22 -24.14 -8.00
CA PRO B 133 -3.41 -24.85 -7.57
C PRO B 133 -3.43 -24.99 -6.05
N PRO B 134 -4.62 -24.99 -5.42
CA PRO B 134 -4.70 -24.95 -3.97
C PRO B 134 -4.28 -26.27 -3.32
N GLY B 135 -3.67 -26.15 -2.14
CA GLY B 135 -3.30 -27.28 -1.28
C GLY B 135 -2.45 -28.23 -2.07
N GLU B 136 -2.90 -29.48 -2.25
CA GLU B 136 -2.15 -30.57 -2.92
C GLU B 136 -2.90 -30.96 -4.21
N ASP B 137 -3.67 -30.03 -4.79
CA ASP B 137 -4.52 -30.32 -5.97
C ASP B 137 -3.72 -30.35 -7.28
N PHE B 138 -2.41 -30.04 -7.24
CA PHE B 138 -1.59 -29.86 -8.46
C PHE B 138 -1.69 -31.12 -9.31
N ARG B 139 -1.48 -32.30 -8.73
CA ARG B 139 -1.55 -33.58 -9.48
C ARG B 139 -2.95 -33.79 -10.09
N ASP B 140 -4.01 -33.58 -9.30
CA ASP B 140 -5.40 -33.83 -9.75
C ASP B 140 -5.83 -32.77 -10.77
N MET B 141 -5.43 -31.50 -10.59
CA MET B 141 -5.91 -30.41 -11.48
C MET B 141 -5.11 -30.41 -12.79
N MET B 142 -3.83 -30.75 -12.75
CA MET B 142 -2.89 -30.58 -13.89
C MET B 142 -2.06 -31.85 -14.08
N PRO B 143 -2.67 -33.03 -14.34
CA PRO B 143 -1.90 -34.28 -14.46
C PRO B 143 -0.78 -34.30 -15.52
N THR B 144 -1.00 -33.68 -16.68
CA THR B 144 0.00 -33.69 -17.79
C THR B 144 1.20 -32.82 -17.39
N ARG B 145 0.96 -31.68 -16.72
CA ARG B 145 2.06 -30.81 -16.17
C ARG B 145 2.83 -31.54 -15.07
N PHE B 146 2.17 -32.25 -14.18
CA PHE B 146 2.79 -33.08 -13.13
C PHE B 146 3.78 -34.07 -13.77
N GLU B 147 3.32 -34.83 -14.78
CA GLU B 147 4.14 -35.89 -15.46
C GLU B 147 5.34 -35.24 -16.14
N ASP B 148 5.13 -34.13 -16.83
CA ASP B 148 6.19 -33.39 -17.58
C ASP B 148 7.28 -32.93 -16.60
N LEU B 149 6.90 -32.30 -15.49
CA LEU B 149 7.90 -31.83 -14.48
C LEU B 149 8.62 -33.01 -13.78
N MET B 150 7.90 -33.99 -13.22
CA MET B 150 8.53 -35.05 -12.38
C MET B 150 9.47 -35.91 -13.20
N GLU B 151 9.10 -36.23 -14.45
CA GLU B 151 9.93 -37.08 -15.33
C GLU B 151 11.24 -36.36 -15.64
N ASN B 152 11.33 -35.02 -15.52
CA ASN B 152 12.49 -34.26 -16.03
C ASN B 152 13.24 -33.48 -14.93
N LEU B 153 12.96 -33.76 -13.64
CA LEU B 153 13.68 -33.12 -12.50
C LEU B 153 15.12 -33.60 -12.52
N PRO B 154 16.09 -32.68 -12.37
CA PRO B 154 17.50 -33.04 -12.26
C PRO B 154 17.76 -33.76 -10.93
N LEU B 155 18.93 -34.40 -10.85
CA LEU B 155 19.35 -35.21 -9.66
C LEU B 155 18.19 -36.09 -9.18
N PRO B 156 17.63 -36.92 -10.10
CA PRO B 156 16.40 -37.66 -9.78
C PRO B 156 16.53 -38.69 -8.64
N GLU B 157 17.72 -39.26 -8.38
CA GLU B 157 17.89 -40.17 -7.22
C GLU B 157 17.61 -39.40 -5.92
N TYR B 158 17.75 -38.06 -5.94
CA TYR B 158 17.54 -37.18 -4.76
C TYR B 158 16.11 -36.63 -4.77
N THR B 159 15.57 -36.28 -5.92
CA THR B 159 14.39 -35.38 -6.06
C THR B 159 13.08 -36.13 -6.32
N LYS B 160 13.08 -37.30 -6.98
CA LYS B 160 11.83 -38.08 -7.27
C LYS B 160 11.39 -38.86 -6.01
N ARG B 161 10.08 -39.11 -5.85
N ARG B 161 10.08 -39.11 -5.88
CA ARG B 161 9.51 -39.83 -4.67
CA ARG B 161 9.48 -39.81 -4.72
C ARG B 161 10.23 -41.17 -4.48
C ARG B 161 10.18 -41.17 -4.49
N ASP B 162 10.41 -41.96 -5.55
CA ASP B 162 11.05 -43.29 -5.45
C ASP B 162 12.54 -43.21 -5.74
N GLY B 163 13.17 -42.02 -5.66
CA GLY B 163 14.62 -41.87 -5.78
C GLY B 163 15.36 -42.72 -4.74
N ARG B 164 16.48 -43.32 -5.14
CA ARG B 164 17.31 -44.15 -4.22
C ARG B 164 17.69 -43.37 -2.95
N LEU B 165 18.02 -42.07 -3.07
CA LEU B 165 18.53 -41.29 -1.92
C LEU B 165 17.50 -40.25 -1.44
N ASN B 166 16.24 -40.29 -1.87
CA ASN B 166 15.17 -39.47 -1.27
C ASN B 166 14.55 -40.24 -0.09
N LEU B 167 14.65 -39.72 1.13
CA LEU B 167 14.15 -40.43 2.35
C LEU B 167 12.72 -40.02 2.70
N ALA B 168 12.12 -39.04 2.01
CA ALA B 168 10.82 -38.43 2.41
C ALA B 168 9.72 -39.48 2.57
N SER B 169 9.58 -40.48 1.68
CA SER B 169 8.45 -41.44 1.80
C SER B 169 8.67 -42.48 2.90
N ARG B 170 9.89 -42.66 3.39
CA ARG B 170 10.27 -43.70 4.37
C ARG B 170 10.29 -43.17 5.81
N LEU B 171 10.52 -41.88 6.04
CA LEU B 171 10.75 -41.37 7.42
C LEU B 171 9.45 -41.02 8.12
N PRO B 172 9.42 -41.20 9.47
CA PRO B 172 8.30 -40.70 10.27
C PRO B 172 8.09 -39.18 10.29
N SER B 173 6.94 -38.74 10.79
CA SER B 173 6.50 -37.32 10.72
C SER B 173 7.41 -36.40 11.54
N TYR B 174 8.20 -36.89 12.48
CA TYR B 174 9.16 -36.05 13.27
C TYR B 174 10.37 -35.64 12.41
N PHE B 175 10.48 -36.16 11.16
CA PHE B 175 11.51 -35.72 10.17
C PHE B 175 10.89 -34.87 9.05
N VAL B 176 9.67 -35.17 8.63
CA VAL B 176 9.13 -34.68 7.32
C VAL B 176 7.60 -34.81 7.27
N ARG B 177 6.95 -33.81 6.65
CA ARG B 177 5.48 -33.83 6.40
C ARG B 177 5.20 -34.94 5.39
N PRO B 178 4.09 -35.69 5.54
CA PRO B 178 3.79 -36.78 4.61
C PRO B 178 3.30 -36.32 3.22
N ASP B 179 3.45 -37.21 2.23
CA ASP B 179 2.89 -37.10 0.86
C ASP B 179 3.32 -35.76 0.21
N LEU B 180 4.63 -35.54 -0.02
CA LEU B 180 5.12 -34.27 -0.63
C LEU B 180 4.67 -34.27 -2.10
N GLY B 181 4.26 -33.11 -2.63
CA GLY B 181 3.95 -32.91 -4.07
C GLY B 181 4.38 -31.50 -4.48
N PRO B 182 4.46 -31.22 -5.79
CA PRO B 182 4.98 -29.96 -6.31
C PRO B 182 4.06 -28.78 -6.02
N LYS B 183 4.64 -27.60 -5.97
CA LYS B 183 3.90 -26.32 -5.71
C LYS B 183 4.32 -25.33 -6.78
N MET B 184 3.39 -24.54 -7.27
CA MET B 184 3.60 -23.59 -8.40
C MET B 184 3.67 -22.20 -7.79
N TYR B 185 4.63 -21.34 -8.21
CA TYR B 185 4.84 -19.96 -7.71
C TYR B 185 4.75 -19.01 -8.91
N ASN B 186 3.71 -18.18 -8.96
CA ASN B 186 3.35 -17.37 -10.14
C ASN B 186 3.23 -15.90 -9.70
N ALA B 187 4.07 -15.01 -10.20
CA ALA B 187 4.04 -13.58 -9.78
C ALA B 187 4.61 -12.69 -10.89
N TYR B 188 4.14 -11.44 -10.93
CA TYR B 188 4.61 -10.42 -11.88
C TYR B 188 6.04 -10.01 -11.50
N GLY B 189 6.75 -9.37 -12.44
CA GLY B 189 8.05 -8.74 -12.14
C GLY B 189 7.93 -7.44 -11.36
N LEU B 190 8.83 -7.17 -10.44
CA LEU B 190 8.99 -5.85 -9.78
C LEU B 190 9.61 -4.84 -10.76
N ILE B 191 9.25 -3.54 -10.68
CA ILE B 191 9.39 -2.58 -11.82
C ILE B 191 10.16 -1.31 -11.41
N THR B 192 9.80 -0.65 -10.31
CA THR B 192 10.24 0.73 -10.01
C THR B 192 11.53 0.74 -9.19
N ALA B 193 12.16 1.91 -9.03
CA ALA B 193 13.29 2.12 -8.10
C ALA B 193 12.87 1.79 -6.66
N GLU B 194 11.68 2.19 -6.22
CA GLU B 194 11.19 1.89 -4.85
C GLU B 194 11.00 0.35 -4.72
N ASP B 195 10.65 -0.32 -5.82
CA ASP B 195 10.40 -1.79 -5.86
C ASP B 195 11.71 -2.57 -5.60
N ARG B 196 12.88 -1.97 -5.77
CA ARG B 196 14.17 -2.67 -5.53
C ARG B 196 14.25 -3.22 -4.11
N ARG B 197 13.62 -2.59 -3.11
CA ARG B 197 13.63 -2.98 -1.68
C ARG B 197 12.51 -3.96 -1.31
N VAL B 198 11.72 -4.45 -2.27
CA VAL B 198 10.53 -5.32 -2.06
C VAL B 198 10.93 -6.75 -2.46
N GLY B 199 10.48 -7.75 -1.73
CA GLY B 199 10.59 -9.17 -2.13
C GLY B 199 9.34 -9.64 -2.85
N THR B 200 9.48 -10.51 -3.84
CA THR B 200 8.40 -11.39 -4.32
C THR B 200 8.07 -12.39 -3.16
N THR B 201 9.11 -13.01 -2.62
CA THR B 201 9.00 -13.91 -1.44
C THR B 201 9.96 -13.40 -0.36
N ASN B 202 9.45 -12.99 0.79
CA ASN B 202 10.31 -12.45 1.87
C ASN B 202 11.23 -13.54 2.42
N LEU B 203 12.27 -13.10 3.09
CA LEU B 203 13.28 -13.94 3.78
C LEU B 203 12.55 -14.93 4.70
N HIS B 204 12.85 -16.21 4.51
CA HIS B 204 12.23 -17.32 5.26
C HIS B 204 13.17 -18.55 5.20
N LEU B 205 12.84 -19.61 5.96
CA LEU B 205 13.50 -20.92 5.74
C LEU B 205 12.42 -22.01 5.56
N ASP B 206 12.83 -23.14 4.96
CA ASP B 206 11.97 -24.34 4.79
C ASP B 206 12.57 -25.49 5.60
N VAL B 207 11.72 -26.39 6.15
CA VAL B 207 12.13 -27.47 7.08
C VAL B 207 12.63 -28.70 6.32
N SER B 208 12.49 -28.74 4.98
CA SER B 208 12.99 -29.84 4.13
C SER B 208 13.94 -29.28 3.09
N ASP B 209 14.66 -30.15 2.39
CA ASP B 209 15.42 -29.76 1.18
C ASP B 209 14.41 -29.43 0.06
N ALA B 210 14.78 -28.59 -0.93
CA ALA B 210 13.92 -28.29 -2.09
C ALA B 210 14.70 -28.05 -3.38
N VAL B 211 14.02 -28.25 -4.51
CA VAL B 211 14.49 -27.81 -5.85
C VAL B 211 13.43 -26.93 -6.46
N ASN B 212 13.84 -25.79 -7.01
CA ASN B 212 12.91 -24.78 -7.61
C ASN B 212 13.30 -24.58 -9.08
N VAL B 213 12.41 -24.93 -10.01
CA VAL B 213 12.67 -24.85 -11.48
C VAL B 213 11.94 -23.65 -12.11
N MET B 214 12.67 -22.83 -12.85
CA MET B 214 12.08 -21.69 -13.61
C MET B 214 11.54 -22.26 -14.91
N VAL B 215 10.21 -22.30 -15.11
CA VAL B 215 9.63 -22.93 -16.33
C VAL B 215 9.17 -21.91 -17.38
N TYR B 216 9.00 -20.65 -17.00
CA TYR B 216 8.57 -19.60 -17.97
C TYR B 216 9.00 -18.23 -17.45
N VAL B 217 9.50 -17.38 -18.36
CA VAL B 217 9.85 -15.97 -18.04
C VAL B 217 9.16 -15.07 -19.07
N GLY B 218 8.34 -14.13 -18.58
CA GLY B 218 7.52 -13.23 -19.43
C GLY B 218 8.04 -11.81 -19.32
N ILE B 219 8.58 -11.34 -20.43
CA ILE B 219 9.17 -9.97 -20.57
C ILE B 219 8.13 -9.08 -21.28
N PRO B 220 7.50 -8.09 -20.60
CA PRO B 220 6.58 -7.16 -21.26
C PRO B 220 7.34 -6.23 -22.25
N ILE B 221 6.73 -5.80 -23.36
CA ILE B 221 7.28 -4.71 -24.24
C ILE B 221 6.53 -3.39 -23.96
N ALA B 225 12.09 -1.56 -23.96
CA ALA B 225 12.93 -2.27 -22.98
C ALA B 225 13.09 -1.39 -21.71
N HIS B 226 12.39 -1.75 -20.63
CA HIS B 226 12.56 -1.14 -19.28
C HIS B 226 13.63 -1.94 -18.52
N ASP B 227 14.60 -2.49 -19.25
CA ASP B 227 15.81 -3.20 -18.74
C ASP B 227 16.68 -2.26 -17.90
N GLU B 228 16.33 -0.96 -17.85
CA GLU B 228 17.11 0.10 -17.14
C GLU B 228 17.25 -0.29 -15.66
N GLU B 229 16.11 -0.37 -14.99
CA GLU B 229 16.01 -0.64 -13.53
C GLU B 229 16.42 -2.10 -13.26
N VAL B 230 16.17 -3.01 -14.20
CA VAL B 230 16.58 -4.43 -14.06
C VAL B 230 18.11 -4.51 -13.98
N LEU B 231 18.86 -3.93 -14.94
CA LEU B 231 20.36 -3.97 -14.93
C LEU B 231 20.94 -3.33 -13.66
N LYS B 232 20.33 -2.28 -13.12
CA LYS B 232 20.79 -1.64 -11.86
C LYS B 232 20.45 -2.55 -10.66
N THR B 233 19.32 -3.27 -10.72
CA THR B 233 18.89 -4.17 -9.60
C THR B 233 19.87 -5.35 -9.49
N ILE B 234 20.36 -5.85 -10.63
CA ILE B 234 21.33 -6.99 -10.73
C ILE B 234 22.64 -6.56 -10.06
N ASP B 235 23.07 -5.34 -10.40
CA ASP B 235 24.37 -4.79 -9.95
C ASP B 235 24.38 -4.59 -8.41
N GLU B 236 23.46 -3.75 -7.94
CA GLU B 236 23.26 -3.43 -6.49
C GLU B 236 23.00 -4.76 -5.73
N GLY B 237 22.30 -5.70 -6.38
CA GLY B 237 22.02 -7.07 -5.88
C GLY B 237 23.28 -7.88 -5.64
N ASP B 238 24.43 -7.50 -6.25
CA ASP B 238 25.77 -8.10 -5.99
C ASP B 238 25.95 -9.38 -6.80
N ALA B 239 25.27 -9.50 -7.95
CA ALA B 239 25.58 -10.56 -8.94
C ALA B 239 27.06 -10.46 -9.34
N ASP B 240 27.66 -11.56 -9.78
CA ASP B 240 29.10 -11.63 -10.18
C ASP B 240 29.22 -11.12 -11.61
N GLU B 241 30.44 -10.86 -12.11
CA GLU B 241 30.66 -10.17 -13.41
C GLU B 241 30.25 -11.04 -14.60
N VAL B 242 30.45 -12.35 -14.55
CA VAL B 242 30.06 -13.27 -15.66
C VAL B 242 28.54 -13.15 -15.89
N THR B 243 27.78 -13.04 -14.80
CA THR B 243 26.30 -12.97 -14.80
C THR B 243 25.86 -11.61 -15.40
N LYS B 244 26.46 -10.51 -14.94
CA LYS B 244 26.17 -9.14 -15.46
C LYS B 244 26.42 -9.06 -16.97
N GLU B 245 27.60 -9.48 -17.41
CA GLU B 245 28.01 -9.35 -18.83
C GLU B 245 27.15 -10.33 -19.63
N ARG B 246 26.68 -11.37 -18.96
CA ARG B 246 25.88 -12.44 -19.60
C ARG B 246 24.48 -11.94 -19.99
N ILE B 247 23.92 -10.98 -19.27
CA ILE B 247 22.54 -10.48 -19.61
C ILE B 247 22.63 -9.49 -20.79
N HIS B 248 23.71 -9.57 -21.59
CA HIS B 248 23.81 -9.06 -22.99
C HIS B 248 24.99 -9.69 -23.75
N ASP B 249 25.27 -10.99 -23.54
CA ASP B 249 26.37 -11.78 -24.20
C ASP B 249 25.75 -12.88 -25.07
N HIS B 250 24.82 -13.65 -24.49
CA HIS B 250 23.67 -14.30 -25.18
C HIS B 250 22.52 -13.26 -25.18
N LYS B 251 21.29 -13.69 -25.47
CA LYS B 251 20.05 -12.98 -25.02
C LYS B 251 19.18 -13.97 -24.23
N GLU B 252 19.63 -14.38 -23.04
CA GLU B 252 18.83 -15.28 -22.18
C GLU B 252 17.72 -14.43 -21.56
N LYS B 253 16.85 -15.12 -20.84
CA LYS B 253 15.72 -14.53 -20.11
C LYS B 253 16.01 -14.68 -18.63
N PRO B 254 16.59 -13.64 -17.99
CA PRO B 254 16.73 -13.62 -16.52
C PRO B 254 15.38 -13.44 -15.80
N GLY B 255 15.04 -14.34 -14.87
CA GLY B 255 13.70 -14.38 -14.23
C GLY B 255 13.71 -13.76 -12.83
N ALA B 256 14.59 -14.21 -11.93
CA ALA B 256 14.52 -13.78 -10.53
C ALA B 256 15.92 -13.68 -9.93
N LEU B 257 16.08 -12.74 -8.99
CA LEU B 257 17.27 -12.55 -8.16
C LEU B 257 17.00 -13.16 -6.78
N TRP B 258 17.82 -14.13 -6.42
CA TRP B 258 17.78 -14.81 -5.11
C TRP B 258 18.94 -14.29 -4.22
N HIS B 259 18.74 -14.25 -2.93
CA HIS B 259 19.83 -14.25 -1.92
C HIS B 259 19.61 -15.45 -1.00
N ILE B 260 20.60 -16.34 -0.92
CA ILE B 260 20.55 -17.55 -0.07
C ILE B 260 21.68 -17.47 0.96
N TYR B 261 21.42 -17.84 2.20
CA TYR B 261 22.39 -17.89 3.33
C TYR B 261 22.53 -19.34 3.81
N ALA B 262 23.72 -19.67 4.33
CA ALA B 262 23.96 -20.99 4.98
C ALA B 262 23.04 -21.23 6.21
N ALA B 263 22.55 -22.46 6.38
CA ALA B 263 21.73 -22.85 7.57
C ALA B 263 22.45 -22.44 8.87
N LYS B 264 23.78 -22.57 8.93
CA LYS B 264 24.56 -22.25 10.18
C LYS B 264 24.58 -20.75 10.50
N ASP B 265 24.17 -19.86 9.58
CA ASP B 265 24.18 -18.38 9.77
C ASP B 265 22.79 -17.85 10.11
N ALA B 266 21.78 -18.71 10.29
CA ALA B 266 20.39 -18.25 10.52
C ALA B 266 20.35 -17.43 11.83
N GLU B 267 21.03 -17.85 12.88
CA GLU B 267 20.87 -17.22 14.23
C GLU B 267 21.54 -15.84 14.19
N LYS B 268 22.63 -15.67 13.46
CA LYS B 268 23.27 -14.33 13.26
C LYS B 268 22.30 -13.42 12.50
N ILE B 269 21.55 -13.97 11.53
CA ILE B 269 20.58 -13.13 10.78
C ILE B 269 19.48 -12.73 11.75
N ARG B 270 19.05 -13.64 12.65
CA ARG B 270 17.96 -13.31 13.61
C ARG B 270 18.44 -12.18 14.56
N GLU B 271 19.69 -12.22 15.01
CA GLU B 271 20.27 -11.19 15.92
C GLU B 271 20.18 -9.82 15.23
N LEU B 272 20.60 -9.72 13.96
CA LEU B 272 20.57 -8.44 13.21
C LEU B 272 19.14 -7.92 13.14
N LEU B 273 18.19 -8.76 12.73
CA LEU B 273 16.80 -8.29 12.47
C LEU B 273 16.07 -7.99 13.78
N ARG B 274 16.40 -8.63 14.91
CA ARG B 274 15.87 -8.24 16.25
C ARG B 274 16.32 -6.80 16.55
N LYS B 275 17.61 -6.50 16.33
CA LYS B 275 18.19 -5.16 16.59
C LYS B 275 17.49 -4.14 15.68
N VAL B 276 17.52 -4.36 14.35
CA VAL B 276 16.96 -3.40 13.35
C VAL B 276 15.47 -3.17 13.64
N GLY B 277 14.74 -4.22 14.03
CA GLY B 277 13.32 -4.11 14.40
C GLY B 277 13.14 -3.20 15.61
N GLU B 278 14.08 -3.26 16.57
CA GLU B 278 14.06 -2.44 17.80
C GLU B 278 14.34 -0.99 17.42
N GLU B 279 15.30 -0.75 16.51
CA GLU B 279 15.65 0.58 15.98
C GLU B 279 14.43 1.20 15.26
N GLN B 280 13.54 0.39 14.69
CA GLN B 280 12.46 0.90 13.81
C GLN B 280 11.14 1.05 14.59
N GLY B 281 11.12 0.81 15.90
CA GLY B 281 9.92 1.01 16.73
C GLY B 281 9.41 -0.29 17.33
N GLN B 282 9.34 -1.35 16.52
CA GLN B 282 8.77 -2.68 16.90
C GLN B 282 9.07 -3.01 18.38
N GLU B 283 8.08 -3.55 19.09
CA GLU B 283 8.25 -4.11 20.46
C GLU B 283 8.05 -5.62 20.36
N ASN B 284 9.15 -6.38 20.41
CA ASN B 284 9.16 -7.85 20.26
C ASN B 284 9.86 -8.42 21.50
N PRO B 285 9.49 -9.63 21.98
CA PRO B 285 10.28 -10.30 23.03
C PRO B 285 11.69 -10.64 22.55
N PRO B 286 12.65 -10.89 23.47
CA PRO B 286 14.03 -11.17 23.08
C PRO B 286 14.16 -12.50 22.31
N ASP B 287 13.12 -13.35 22.40
CA ASP B 287 12.98 -14.70 21.78
C ASP B 287 12.47 -14.61 20.34
N HIS B 288 11.90 -13.47 19.96
CA HIS B 288 11.17 -13.29 18.70
C HIS B 288 11.99 -13.84 17.51
N ASP B 289 11.32 -14.48 16.54
CA ASP B 289 12.00 -15.11 15.37
C ASP B 289 11.63 -14.36 14.10
N PRO B 290 12.44 -13.37 13.65
CA PRO B 290 12.13 -12.61 12.44
C PRO B 290 12.18 -13.40 11.12
N ILE B 291 12.86 -14.56 11.10
CA ILE B 291 12.87 -15.47 9.91
C ILE B 291 11.51 -16.19 9.88
N HIS B 292 11.04 -16.70 11.01
CA HIS B 292 9.71 -17.36 11.12
C HIS B 292 8.61 -16.36 10.71
N ASP B 293 8.78 -15.07 11.05
CA ASP B 293 7.80 -13.98 10.73
C ASP B 293 7.61 -13.77 9.23
N GLN B 294 8.63 -14.06 8.39
CA GLN B 294 8.53 -13.89 6.93
C GLN B 294 8.12 -12.43 6.59
N SER B 295 8.59 -11.45 7.37
CA SER B 295 8.20 -10.01 7.27
C SER B 295 9.32 -9.13 6.68
N TRP B 296 10.52 -9.67 6.42
CA TRP B 296 11.72 -8.90 6.03
C TRP B 296 12.17 -9.21 4.60
N TYR B 297 12.63 -8.18 3.89
CA TYR B 297 13.44 -8.37 2.67
C TYR B 297 14.76 -7.65 2.89
N LEU B 298 15.88 -8.35 2.76
CA LEU B 298 17.22 -7.73 2.96
C LEU B 298 17.61 -6.92 1.72
N ASP B 299 17.52 -5.58 1.84
CA ASP B 299 17.89 -4.65 0.75
C ASP B 299 19.40 -4.46 0.80
N GLN B 300 19.96 -3.59 -0.05
CA GLN B 300 21.43 -3.43 -0.09
C GLN B 300 21.96 -2.97 1.28
N THR B 301 21.27 -2.05 1.94
CA THR B 301 21.72 -1.51 3.25
C THR B 301 21.83 -2.65 4.27
N LEU B 302 20.79 -3.49 4.35
CA LEU B 302 20.76 -4.59 5.34
C LEU B 302 21.81 -5.66 4.98
N ARG B 303 21.97 -6.03 3.71
CA ARG B 303 22.97 -7.05 3.27
C ARG B 303 24.40 -6.56 3.65
N LYS B 304 24.69 -5.28 3.40
CA LYS B 304 26.05 -4.73 3.71
C LYS B 304 26.32 -4.84 5.21
N ARG B 305 25.37 -4.40 6.03
CA ARG B 305 25.40 -4.41 7.52
C ARG B 305 25.48 -5.83 8.07
N LEU B 306 24.79 -6.81 7.46
CA LEU B 306 24.95 -8.25 7.82
C LEU B 306 26.41 -8.65 7.63
N TYR B 307 27.00 -8.36 6.49
CA TYR B 307 28.43 -8.69 6.24
C TYR B 307 29.37 -8.00 7.25
N GLU B 308 29.23 -6.68 7.35
N GLU B 308 29.22 -6.68 7.41
CA GLU B 308 30.06 -5.78 8.21
CA GLU B 308 30.16 -5.86 8.22
C GLU B 308 30.00 -6.26 9.67
C GLU B 308 30.03 -6.22 9.71
N GLU B 309 28.80 -6.27 10.25
CA GLU B 309 28.62 -6.57 11.70
C GLU B 309 28.80 -8.06 12.01
N TYR B 310 28.44 -9.02 11.16
CA TYR B 310 28.34 -10.43 11.61
C TYR B 310 29.24 -11.37 10.82
N GLY B 311 29.88 -10.90 9.75
CA GLY B 311 30.76 -11.74 8.92
C GLY B 311 29.98 -12.64 7.97
N VAL B 312 28.68 -12.40 7.80
CA VAL B 312 27.81 -13.32 6.98
C VAL B 312 27.70 -12.79 5.56
N GLN B 313 28.05 -13.62 4.56
CA GLN B 313 28.14 -13.26 3.13
C GLN B 313 26.87 -13.66 2.34
N GLY B 314 26.55 -14.94 2.22
CA GLY B 314 25.42 -15.36 1.34
C GLY B 314 25.72 -15.35 -0.15
N TRP B 315 24.84 -15.95 -0.95
CA TRP B 315 25.00 -16.21 -2.40
C TRP B 315 23.95 -15.37 -3.14
N ALA B 316 24.34 -14.48 -4.06
CA ALA B 316 23.42 -13.70 -4.95
C ALA B 316 23.31 -14.45 -6.27
N ILE B 317 22.15 -15.03 -6.56
CA ILE B 317 21.94 -15.93 -7.74
C ILE B 317 20.88 -15.32 -8.66
N VAL B 318 21.17 -15.24 -9.95
CA VAL B 318 20.14 -14.95 -10.98
C VAL B 318 19.69 -16.25 -11.62
N GLN B 319 18.39 -16.57 -11.43
CA GLN B 319 17.76 -17.77 -12.02
C GLN B 319 17.22 -17.39 -13.39
N PHE B 320 17.77 -17.99 -14.44
CA PHE B 320 17.27 -17.79 -15.82
C PHE B 320 16.24 -18.86 -16.13
N LEU B 321 15.55 -18.72 -17.28
CA LEU B 321 14.67 -19.78 -17.83
C LEU B 321 15.41 -21.12 -17.85
N GLY B 322 14.81 -22.15 -17.22
CA GLY B 322 15.30 -23.54 -17.19
C GLY B 322 16.27 -23.82 -16.05
N ASP B 323 16.63 -22.82 -15.23
CA ASP B 323 17.59 -23.01 -14.11
C ASP B 323 16.80 -23.64 -12.94
N ALA B 324 17.35 -24.73 -12.39
CA ALA B 324 16.90 -25.35 -11.14
C ALA B 324 17.83 -24.97 -10.01
N VAL B 325 17.31 -24.34 -8.94
CA VAL B 325 18.07 -23.93 -7.74
C VAL B 325 17.79 -24.95 -6.64
N PHE B 326 18.85 -25.59 -6.14
CA PHE B 326 18.75 -26.52 -4.98
C PHE B 326 19.03 -25.76 -3.70
N ILE B 327 18.10 -25.85 -2.74
CA ILE B 327 18.10 -25.08 -1.46
C ILE B 327 18.18 -26.02 -0.27
N PRO B 328 19.29 -26.03 0.50
CA PRO B 328 19.43 -26.89 1.68
C PRO B 328 18.37 -26.57 2.73
N ALA B 329 17.82 -27.63 3.36
CA ALA B 329 16.94 -27.49 4.54
C ALA B 329 17.55 -26.47 5.54
N GLY B 330 16.78 -25.47 5.92
CA GLY B 330 17.18 -24.50 6.96
C GLY B 330 18.01 -23.34 6.43
N ALA B 331 18.34 -23.28 5.12
CA ALA B 331 19.11 -22.15 4.55
C ALA B 331 18.12 -21.01 4.37
N PRO B 332 18.26 -19.87 5.08
CA PRO B 332 17.35 -18.75 4.81
C PRO B 332 17.50 -18.17 3.40
N HIS B 333 16.39 -17.77 2.78
CA HIS B 333 16.41 -17.27 1.41
C HIS B 333 15.23 -16.33 1.12
N GLN B 334 15.47 -15.43 0.16
CA GLN B 334 14.49 -14.43 -0.35
C GLN B 334 14.57 -14.43 -1.87
N VAL B 335 13.48 -14.04 -2.54
CA VAL B 335 13.37 -14.01 -4.02
C VAL B 335 12.80 -12.67 -4.49
N HIS B 336 13.39 -12.08 -5.53
CA HIS B 336 12.94 -10.79 -6.14
C HIS B 336 12.75 -10.99 -7.62
N ASN B 337 11.50 -11.06 -8.13
CA ASN B 337 11.27 -11.29 -9.57
C ASN B 337 11.67 -10.04 -10.37
N LEU B 338 12.51 -10.23 -11.39
CA LEU B 338 12.99 -9.20 -12.35
C LEU B 338 11.95 -9.01 -13.45
N TYR B 339 11.35 -10.09 -13.91
CA TYR B 339 10.28 -10.14 -14.93
C TYR B 339 9.19 -11.09 -14.37
N SER B 340 8.04 -11.20 -15.04
CA SER B 340 6.97 -12.13 -14.63
C SER B 340 7.50 -13.58 -14.73
N CYS B 341 7.31 -14.39 -13.69
CA CYS B 341 7.88 -15.76 -13.61
C CYS B 341 6.85 -16.82 -13.28
N ILE B 342 6.96 -18.01 -13.91
CA ILE B 342 6.31 -19.26 -13.44
C ILE B 342 7.44 -20.19 -12.93
N LYS B 343 7.41 -20.53 -11.65
CA LYS B 343 8.38 -21.48 -11.02
C LYS B 343 7.58 -22.70 -10.50
N VAL B 344 8.20 -23.89 -10.49
CA VAL B 344 7.61 -25.07 -9.82
C VAL B 344 8.68 -25.66 -8.89
N ALA B 345 8.31 -25.92 -7.64
CA ALA B 345 9.25 -26.43 -6.59
C ALA B 345 8.80 -27.79 -6.04
N GLU B 346 9.76 -28.66 -5.73
CA GLU B 346 9.47 -29.98 -5.09
C GLU B 346 10.35 -30.13 -3.84
N ASP B 347 9.76 -30.46 -2.70
CA ASP B 347 10.47 -30.74 -1.42
C ASP B 347 10.99 -32.20 -1.48
N PHE B 348 12.11 -32.48 -0.81
CA PHE B 348 12.69 -33.83 -0.65
C PHE B 348 13.52 -33.87 0.63
N VAL B 349 14.02 -35.07 1.00
CA VAL B 349 14.86 -35.24 2.20
C VAL B 349 16.12 -36.02 1.82
N SER B 350 17.28 -35.34 1.72
CA SER B 350 18.58 -36.03 1.48
C SER B 350 19.17 -36.60 2.79
N PRO B 351 19.92 -37.71 2.71
CA PRO B 351 20.64 -38.25 3.87
C PRO B 351 21.61 -37.26 4.53
N GLU B 352 22.22 -36.43 3.70
CA GLU B 352 23.24 -35.42 4.09
C GLU B 352 22.59 -34.45 5.10
N HIS B 353 21.29 -34.18 5.00
CA HIS B 353 20.61 -33.11 5.76
C HIS B 353 19.54 -33.67 6.73
N VAL B 354 19.48 -34.98 6.98
CA VAL B 354 18.40 -35.60 7.80
C VAL B 354 18.43 -35.11 9.25
N LYS B 355 19.59 -34.89 9.82
CA LYS B 355 19.68 -34.35 11.21
C LYS B 355 19.06 -32.95 11.26
N HIS B 356 19.40 -32.10 10.29
CA HIS B 356 18.81 -30.74 10.17
C HIS B 356 17.30 -30.83 10.05
N CYS B 357 16.78 -31.72 9.19
CA CYS B 357 15.32 -31.89 8.99
C CYS B 357 14.60 -32.22 10.33
N PHE B 358 15.17 -33.07 11.18
CA PHE B 358 14.59 -33.42 12.51
C PHE B 358 14.54 -32.17 13.39
N ARG B 359 15.65 -31.42 13.46
CA ARG B 359 15.72 -30.23 14.36
C ARG B 359 14.79 -29.12 13.84
N LEU B 360 14.76 -28.87 12.54
CA LEU B 360 13.86 -27.82 11.98
C LEU B 360 12.39 -28.17 12.23
N THR B 361 12.01 -29.45 12.12
CA THR B 361 10.61 -29.90 12.32
C THR B 361 10.24 -29.66 13.81
N GLN B 362 11.15 -29.99 14.72
CA GLN B 362 10.97 -29.76 16.18
C GLN B 362 10.72 -28.26 16.41
N GLU B 363 11.55 -27.39 15.82
CA GLU B 363 11.48 -25.93 16.05
C GLU B 363 10.17 -25.42 15.45
N PHE B 364 9.77 -25.91 14.26
CA PHE B 364 8.50 -25.48 13.62
C PHE B 364 7.33 -25.77 14.55
N ARG B 365 7.23 -27.00 15.08
CA ARG B 365 6.18 -27.40 16.05
C ARG B 365 6.20 -26.46 17.27
N HIS B 366 7.38 -26.14 17.81
CA HIS B 366 7.52 -25.24 18.99
C HIS B 366 6.99 -23.83 18.66
N LEU B 367 7.36 -23.28 17.50
CA LEU B 367 6.95 -21.93 17.05
C LEU B 367 5.45 -21.91 16.75
N SER B 368 4.87 -23.06 16.42
CA SER B 368 3.45 -23.24 16.04
C SER B 368 2.53 -22.83 17.20
N ASN B 369 2.82 -23.32 18.41
CA ASN B 369 1.95 -23.14 19.62
C ASN B 369 2.78 -22.54 20.75
N1 S9V C . -38.12 22.70 4.15
C4 S9V C . -39.00 23.79 4.05
C5 S9V C . -38.01 21.71 3.17
C6 S9V C . -39.15 21.23 2.45
C7 S9V C . -39.00 20.22 1.51
C8 S9V C . -37.70 19.72 1.29
C10 S9V C . -36.73 21.16 2.95
N S9V C . -38.94 24.54 5.15
C S9V C . -40.51 22.83 6.21
O S9V C . -37.84 23.81 7.30
C1 S9V C . -39.88 24.26 6.22
C2 S9V C . -40.98 25.34 6.10
C3 S9V C . -39.10 24.40 7.56
C9 S9V C . -36.57 20.16 2.00
O1 S9V C . -39.77 24.06 3.11
CL S9V C . -37.47 18.53 0.07
CL CL D . -31.44 10.14 1.40
CL CL E . -18.16 8.41 23.51
CL CL F . -2.00 17.43 4.24
CL CL G . -17.86 11.68 -11.86
MN MN H . -10.27 14.27 1.43
CL CL I . -2.57 -30.73 -17.17
MN MN J . 11.46 -21.33 0.38
#